data_8WFB
#
_entry.id   8WFB
#
_cell.length_a   1.00
_cell.length_b   1.00
_cell.length_c   1.00
_cell.angle_alpha   90.00
_cell.angle_beta   90.00
_cell.angle_gamma   90.00
#
_symmetry.space_group_name_H-M   'P 1'
#
loop_
_entity.id
_entity.type
_entity.pdbx_description
1 polymer dPspCas13b-ADAR2DD
2 polymer crRNA
3 polymer 'target RNA'
4 non-polymer 'INOSITOL HEXAKISPHOSPHATE'
5 non-polymer 'ZINC ION'
#
loop_
_entity_poly.entity_id
_entity_poly.type
_entity_poly.pdbx_seq_one_letter_code
_entity_poly.pdbx_strand_id
1 'polypeptide(L)'
;MSYYHHHHHHDGASWSHPQFEKGSTTLEVLFQGPMNIPALVENQKKYFGTYSVMAMLNAQTVLDHIQKVADIEGEQNENN
ENLWFHPVMSHLYNAKNGYDKQPEKTMFIIERLQSYFPFLKIMAENQREYSNGKYKQNRVEVNSNDIFEVLKRAFGVLKM
YRDLTNAYKTYEEKLNDGCEFLTSTEQPLSGMINNYYTVALRNMNERYGYKTEDLAFIQDKRFKFVKDAYGKKKSQVNTG
FFLSLQDYNGDTQKKLHLSGVGIALLICLFLDKQYINIFLSRLPIFSSYNAQSEERRIIIRSFGINSIKLPKDRIHSEKS
NKSVAMDMLNEVKRCPDELFTTLSAEKQSRFRIISDDHNEVLMKRSSDRFVPLLLQYIDYGKLFDHIRFHVNMGKLRYLL
KADKTCIDGQTRVRVIEQPLNGFGRLEEAETMRKQENGTFGNSGIRIRDFENMKRDDANPANYPYIVDTYTHYILENNKV
EMFINDKEDSAPLLPVIEDDRYVVKTIPSCRMSTLEIPAMAFHMFLFGSKKTEKLIVDVHNRYKRLFQAMQKEEVTAENI
ASFGIAESDLPQKILDLISGNAHGKDVDAFIRLTVDDMLTDTERRIKRFKDDRKSIRSADNKMGKRGFKQISTGKLADFL
AKDIVLFQPSVNDGENKITGLNYRIMQSAIAVYDSGDDYEAKQQFKLMFEKARLIGKGTTEPHPFLYKVFARSIPANAVE
FYERYLIERKFYLTGLSNEIKKGNRVDVPFIRRDQNKWKTPAMKTLGRIYSEDLPVELPRQMFDNEIKSHLKSLPQMEGI
DFNNANVTYLIAEYMKRVLDDDFQTFYQWNRNYRYMDMLKGEYDRKGSLQHCFTSVEEREGLWKERASRTERYRKQASNK
IRSNRQMRNASSEEIETILDKRLSNSRNEYQKSEKVIRRYRVQDALLFLLAKKTLTELADFDGERFKLKEIMPDAEKGIL
SEIMPMSFTFEKGGKKYTITSEGMKLKNYGDFFVLASDKRIGNLLELVGSDIVSKEDIMEEFNKYDQCRPEISSIVFNLE
KWAFDTYPELSARVDREEKVDFKSILKILLNNKNINKEQSDILRKIRNAFDANNYPDKGVVEIKALPEIAMSIKKAFGEY
AIMKGSLQLPPLERLTLGSQLHLPQVLADAVSRLVLGKFGDLTDNFSSPHARRKVLAGVVMTTGTDVKDAKVISVSTGTK
CINGEYMSDRGLALNDCHAEIISRRSLLRFLYTQLELYLNNKDDQKRSIFQKSERGGFRLKENVQFHLYISTSPCGDARI
FSPHEPILEEPADRHPNRKARGQLRTKIESGQGTIPVRSNASIQTWDGVLQGERLLTMSCSDKIARWNVVGIQGSLLSIF
VEPIYFSSIILGSLYHGDHLSRAMYQRISNIEDLPPLYTLNKPLLSGISNAEARQPGKAPNFSVNWTVGDSAIEVINATT
GKDELGRASRLCKHALYCRWMRVHGKVPSHLLRSKITKPNVYHESKLAAKEYQAAKARLFTAFIKAGLGAWVEKPTEQDQ
FSLT
;
A
2 'polyribonucleotide' UCUAAACCAUCCUGCGGCCUCUACUCUGCAGUUGUGGAAGGUCCAGUUUUGAGGGGCUAUUACAAC B
3 'polyribonucleotide' GAAUGCAGAGUAGAGGCCGCAGGAU(8AZ)GUUUAGAACA C
#
loop_
_chem_comp.id
_chem_comp.type
_chem_comp.name
_chem_comp.formula
8AZ RNA linking 8-aza-nebularine-5'-monophosphate 'C9 H14 N5 O8 P'
A RNA linking ADENOSINE-5'-MONOPHOSPHATE 'C10 H14 N5 O7 P'
C RNA linking CYTIDINE-5'-MONOPHOSPHATE 'C9 H14 N3 O8 P'
G RNA linking GUANOSINE-5'-MONOPHOSPHATE 'C10 H14 N5 O8 P'
IHP non-polymer 'INOSITOL HEXAKISPHOSPHATE' 'C6 H18 O24 P6'
U RNA linking URIDINE-5'-MONOPHOSPHATE 'C9 H13 N2 O9 P'
ZN non-polymer 'ZINC ION' 'Zn 2'
#
# COMPACT_ATOMS: atom_id res chain seq x y z
N GLU A 318 2.67 39.65 -15.29
CA GLU A 318 2.03 40.98 -15.14
C GLU A 318 0.53 40.83 -15.42
N LYS A 319 -0.31 41.15 -14.43
CA LYS A 319 -1.75 41.10 -14.60
C LYS A 319 -2.28 42.50 -14.96
N SER A 320 -3.45 42.54 -15.61
CA SER A 320 -4.12 43.77 -16.01
C SER A 320 -5.62 43.52 -16.12
N ASN A 321 -6.41 44.60 -16.30
CA ASN A 321 -7.83 44.45 -16.62
C ASN A 321 -8.03 43.49 -17.79
N LYS A 322 -7.26 43.65 -18.87
CA LYS A 322 -7.41 42.80 -20.04
C LYS A 322 -7.03 41.36 -19.66
N SER A 323 -5.90 41.17 -18.98
CA SER A 323 -5.44 39.83 -18.67
C SER A 323 -6.45 39.12 -17.76
N VAL A 324 -7.08 39.85 -16.83
CA VAL A 324 -8.02 39.25 -15.88
C VAL A 324 -9.25 38.79 -16.67
N ALA A 325 -9.76 39.65 -17.57
CA ALA A 325 -10.87 39.31 -18.45
C ALA A 325 -10.61 38.00 -19.19
N MET A 326 -9.37 37.82 -19.68
CA MET A 326 -9.02 36.67 -20.49
C MET A 326 -8.79 35.46 -19.59
N ASP A 327 -8.39 35.69 -18.34
CA ASP A 327 -8.25 34.63 -17.35
C ASP A 327 -9.63 34.09 -16.96
N MET A 328 -10.65 34.96 -17.03
CA MET A 328 -12.02 34.59 -16.69
C MET A 328 -12.65 33.75 -17.80
N LEU A 329 -12.47 34.17 -19.06
CA LEU A 329 -13.04 33.45 -20.20
C LEU A 329 -12.39 32.07 -20.33
N ASN A 330 -11.08 31.97 -20.06
CA ASN A 330 -10.42 30.69 -20.16
C ASN A 330 -10.75 29.81 -18.94
N GLU A 331 -11.32 30.39 -17.86
CA GLU A 331 -11.80 29.62 -16.72
C GLU A 331 -13.11 28.92 -17.07
N VAL A 332 -14.03 29.62 -17.73
CA VAL A 332 -15.40 29.15 -17.93
C VAL A 332 -15.46 28.11 -19.06
N LYS A 333 -14.44 28.02 -19.93
CA LYS A 333 -14.42 27.03 -20.98
C LYS A 333 -14.03 25.66 -20.42
N ARG A 334 -13.45 25.62 -19.22
CA ARG A 334 -12.96 24.38 -18.63
C ARG A 334 -14.05 23.72 -17.80
N CYS A 335 -13.98 22.39 -17.69
CA CYS A 335 -14.93 21.63 -16.91
C CYS A 335 -14.63 21.80 -15.43
N PRO A 336 -15.63 22.15 -14.57
CA PRO A 336 -15.42 22.04 -13.13
C PRO A 336 -15.10 20.60 -12.73
N ASP A 337 -14.25 20.45 -11.71
CA ASP A 337 -13.75 19.13 -11.33
C ASP A 337 -14.89 18.26 -10.81
N GLU A 338 -15.80 18.83 -10.01
CA GLU A 338 -16.93 18.06 -9.48
C GLU A 338 -17.78 17.49 -10.61
N LEU A 339 -17.95 18.25 -11.71
CA LEU A 339 -18.69 17.78 -12.86
C LEU A 339 -17.92 16.68 -13.59
N PHE A 340 -16.61 16.89 -13.82
CA PHE A 340 -15.81 16.00 -14.64
C PHE A 340 -15.91 14.56 -14.11
N THR A 341 -15.85 14.39 -12.79
CA THR A 341 -15.97 13.08 -12.14
C THR A 341 -17.24 12.34 -12.58
N THR A 342 -18.35 13.06 -12.82
CA THR A 342 -19.64 12.42 -13.03
C THR A 342 -19.87 12.06 -14.50
N LEU A 343 -19.01 12.52 -15.42
CA LEU A 343 -19.28 12.42 -16.85
C LEU A 343 -18.79 11.08 -17.41
N SER A 344 -19.49 10.57 -18.44
CA SER A 344 -19.07 9.41 -19.21
C SER A 344 -17.74 9.67 -19.90
N ALA A 345 -17.02 8.57 -20.22
CA ALA A 345 -15.67 8.66 -20.79
C ALA A 345 -15.71 9.44 -22.10
N GLU A 346 -16.79 9.26 -22.87
CA GLU A 346 -16.97 9.98 -24.13
C GLU A 346 -16.98 11.48 -23.85
N LYS A 347 -17.78 11.91 -22.86
CA LYS A 347 -17.92 13.34 -22.60
C LYS A 347 -16.70 13.89 -21.89
N GLN A 348 -16.06 13.10 -21.02
CA GLN A 348 -14.77 13.50 -20.46
C GLN A 348 -13.77 13.72 -21.59
N SER A 349 -13.85 12.91 -22.66
CA SER A 349 -12.92 13.02 -23.78
C SER A 349 -13.04 14.38 -24.48
N ARG A 350 -14.23 15.01 -24.40
CA ARG A 350 -14.49 16.26 -25.09
C ARG A 350 -13.70 17.43 -24.48
N PHE A 351 -13.18 17.27 -23.25
CA PHE A 351 -12.34 18.28 -22.63
C PHE A 351 -10.87 18.05 -22.93
N ARG A 352 -10.53 16.91 -23.56
CA ARG A 352 -9.16 16.62 -23.94
C ARG A 352 -8.94 17.17 -25.35
N ILE A 353 -8.22 18.30 -25.41
CA ILE A 353 -8.14 19.13 -26.61
C ILE A 353 -6.71 19.02 -27.15
N ILE A 354 -6.55 19.18 -28.46
CA ILE A 354 -5.24 19.35 -29.07
C ILE A 354 -5.00 20.85 -29.23
N SER A 355 -3.85 21.33 -28.72
CA SER A 355 -3.46 22.73 -28.82
C SER A 355 -2.97 23.07 -30.23
N ASP A 356 -2.64 24.36 -30.45
CA ASP A 356 -1.92 24.82 -31.64
C ASP A 356 -0.62 24.04 -31.87
N ASP A 357 0.18 23.86 -30.81
CA ASP A 357 1.46 23.16 -30.93
C ASP A 357 1.26 21.65 -30.72
N HIS A 358 0.09 21.14 -31.15
CA HIS A 358 -0.17 19.71 -31.30
C HIS A 358 0.08 18.97 -29.99
N ASN A 359 -0.31 19.59 -28.86
CA ASN A 359 -0.18 18.99 -27.54
C ASN A 359 -1.56 18.79 -26.92
N GLU A 360 -1.79 17.60 -26.36
CA GLU A 360 -3.06 17.29 -25.75
C GLU A 360 -3.12 17.98 -24.38
N VAL A 361 -4.25 18.64 -24.11
CA VAL A 361 -4.45 19.42 -22.89
C VAL A 361 -5.78 19.00 -22.28
N LEU A 362 -5.80 18.71 -20.97
CA LEU A 362 -7.05 18.46 -20.28
C LEU A 362 -7.63 19.80 -19.86
N MET A 363 -8.72 20.22 -20.50
CA MET A 363 -9.40 21.47 -20.16
C MET A 363 -10.32 21.23 -18.96
N LYS A 364 -9.70 21.07 -17.78
CA LYS A 364 -10.42 20.85 -16.54
C LYS A 364 -9.87 21.82 -15.49
N ARG A 365 -10.76 22.31 -14.61
CA ARG A 365 -10.38 23.26 -13.58
C ARG A 365 -9.67 22.51 -12.45
N SER A 366 -8.47 22.97 -12.08
CA SER A 366 -7.71 22.35 -11.00
C SER A 366 -8.22 22.83 -9.65
N SER A 367 -8.85 24.03 -9.62
CA SER A 367 -9.51 24.54 -8.44
C SER A 367 -10.58 25.56 -8.86
N ASP A 368 -11.46 25.90 -7.91
CA ASP A 368 -12.43 26.96 -8.13
C ASP A 368 -11.75 28.31 -7.91
N ARG A 369 -11.42 28.99 -9.02
CA ARG A 369 -10.76 30.29 -8.98
C ARG A 369 -11.76 31.44 -9.13
N PHE A 370 -13.06 31.19 -8.94
CA PHE A 370 -14.05 32.25 -9.06
C PHE A 370 -13.70 33.46 -8.18
N VAL A 371 -13.42 33.22 -6.90
CA VAL A 371 -13.28 34.27 -5.91
C VAL A 371 -11.99 35.04 -6.16
N PRO A 372 -10.78 34.41 -6.23
CA PRO A 372 -9.59 35.16 -6.59
C PRO A 372 -9.73 35.95 -7.88
N LEU A 373 -10.37 35.36 -8.91
CA LEU A 373 -10.58 36.08 -10.15
C LEU A 373 -11.39 37.35 -9.88
N LEU A 374 -12.42 37.26 -9.03
CA LEU A 374 -13.28 38.40 -8.72
C LEU A 374 -12.49 39.45 -7.94
N LEU A 375 -11.62 39.02 -7.04
CA LEU A 375 -10.81 39.95 -6.26
C LEU A 375 -9.81 40.67 -7.18
N GLN A 376 -9.15 39.94 -8.08
CA GLN A 376 -8.27 40.57 -9.06
C GLN A 376 -9.05 41.58 -9.90
N TYR A 377 -10.27 41.20 -10.31
CA TYR A 377 -11.11 42.09 -11.11
C TYR A 377 -11.33 43.41 -10.38
N ILE A 378 -11.62 43.36 -9.07
CA ILE A 378 -11.93 44.55 -8.29
C ILE A 378 -10.65 45.37 -8.07
N ASP A 379 -9.54 44.70 -7.74
CA ASP A 379 -8.27 45.37 -7.46
C ASP A 379 -7.75 46.06 -8.73
N TYR A 380 -7.53 45.32 -9.82
CA TYR A 380 -6.96 45.92 -11.02
C TYR A 380 -7.92 46.94 -11.60
N GLY A 381 -9.23 46.75 -11.40
CA GLY A 381 -10.24 47.69 -11.89
C GLY A 381 -10.31 48.98 -11.07
N LYS A 382 -9.76 48.97 -9.85
CA LYS A 382 -9.85 50.09 -8.92
C LYS A 382 -11.33 50.43 -8.69
N LEU A 383 -12.11 49.38 -8.35
CA LEU A 383 -13.55 49.47 -8.28
C LEU A 383 -14.06 49.75 -6.86
N PHE A 384 -13.25 49.47 -5.83
CA PHE A 384 -13.58 49.82 -4.45
C PHE A 384 -12.63 50.92 -3.97
N ASP A 385 -13.21 52.01 -3.43
CA ASP A 385 -12.44 53.15 -2.94
C ASP A 385 -11.90 52.93 -1.54
N HIS A 386 -12.62 52.15 -0.72
CA HIS A 386 -12.37 52.05 0.71
C HIS A 386 -12.05 50.62 1.15
N ILE A 387 -12.67 49.61 0.52
CA ILE A 387 -12.51 48.25 0.98
C ILE A 387 -11.20 47.71 0.40
N ARG A 388 -10.42 47.02 1.25
CA ARG A 388 -9.23 46.34 0.80
C ARG A 388 -9.20 44.93 1.39
N PHE A 389 -8.75 43.96 0.58
CA PHE A 389 -8.85 42.55 0.96
C PHE A 389 -7.58 42.14 1.71
N HIS A 390 -7.71 41.05 2.47
CA HIS A 390 -6.66 40.52 3.32
C HIS A 390 -5.62 39.78 2.46
N VAL A 391 -4.37 40.26 2.48
CA VAL A 391 -3.32 39.66 1.67
C VAL A 391 -2.28 39.08 2.64
N ASN A 392 -1.58 38.02 2.22
CA ASN A 392 -0.36 37.59 2.87
C ASN A 392 0.82 37.97 2.00
N MET A 393 1.93 38.39 2.63
CA MET A 393 3.12 38.85 1.95
C MET A 393 4.37 38.13 2.47
N GLY A 394 4.24 36.86 2.86
CA GLY A 394 5.35 36.05 3.35
C GLY A 394 5.26 35.77 4.84
N LYS A 395 6.35 35.22 5.39
CA LYS A 395 6.46 34.89 6.80
C LYS A 395 7.76 35.48 7.34
N LEU A 396 7.73 35.92 8.61
CA LEU A 396 8.93 36.28 9.34
C LEU A 396 9.43 35.04 10.08
N ARG A 397 10.73 34.73 9.94
CA ARG A 397 11.37 33.66 10.70
C ARG A 397 12.37 34.26 11.67
N TYR A 398 12.26 33.95 12.96
CA TYR A 398 13.28 34.35 13.91
C TYR A 398 13.75 33.11 14.67
N LEU A 399 15.05 33.13 15.00
CA LEU A 399 15.69 32.04 15.71
C LEU A 399 15.54 32.30 17.21
N LEU A 400 14.78 31.43 17.87
CA LEU A 400 14.51 31.56 19.29
C LEU A 400 15.73 31.06 20.06
N LYS A 401 16.24 29.88 19.65
CA LYS A 401 17.43 29.31 20.26
C LYS A 401 18.10 28.36 19.29
N ALA A 402 19.44 28.51 19.15
CA ALA A 402 20.24 27.66 18.28
C ALA A 402 20.43 26.29 18.92
N ASP A 403 20.54 26.24 20.27
CA ASP A 403 20.73 25.00 21.02
C ASP A 403 19.65 24.87 22.10
N LYS A 404 18.49 24.30 21.72
CA LYS A 404 17.39 24.07 22.65
C LYS A 404 17.35 22.59 23.04
N THR A 405 17.52 22.30 24.33
CA THR A 405 17.40 20.95 24.86
C THR A 405 15.92 20.57 24.89
N CYS A 406 15.60 19.41 24.29
CA CYS A 406 14.23 18.96 24.11
C CYS A 406 13.91 17.90 25.17
N ILE A 407 12.67 17.37 25.20
CA ILE A 407 12.22 16.45 26.25
C ILE A 407 12.92 15.09 26.14
N ASP A 408 13.56 14.79 25.00
CA ASP A 408 14.41 13.61 24.84
C ASP A 408 15.87 13.93 25.17
N GLY A 409 16.16 15.19 25.58
CA GLY A 409 17.49 15.55 26.04
C GLY A 409 18.48 15.79 24.90
N GLN A 410 17.98 15.84 23.65
CA GLN A 410 18.80 16.16 22.50
C GLN A 410 18.61 17.64 22.17
N THR A 411 19.68 18.28 21.68
CA THR A 411 19.69 19.70 21.38
C THR A 411 19.23 19.91 19.94
N ARG A 412 18.33 20.88 19.71
CA ARG A 412 17.84 21.20 18.37
C ARG A 412 17.62 22.71 18.22
N VAL A 413 17.67 23.22 16.98
CA VAL A 413 17.39 24.63 16.70
C VAL A 413 15.89 24.83 16.91
N ARG A 414 15.52 26.01 17.45
CA ARG A 414 14.12 26.38 17.59
C ARG A 414 13.83 27.66 16.79
N VAL A 415 13.14 27.55 15.63
CA VAL A 415 12.76 28.69 14.78
C VAL A 415 11.24 28.90 14.93
N ILE A 416 10.82 30.18 15.04
CA ILE A 416 9.41 30.56 15.10
C ILE A 416 9.05 31.37 13.85
N GLU A 417 7.85 31.10 13.27
CA GLU A 417 7.33 31.82 12.10
C GLU A 417 6.11 32.66 12.46
N GLN A 418 5.97 33.84 11.83
CA GLN A 418 4.77 34.66 11.93
C GLN A 418 4.35 35.09 10.52
N PRO A 419 3.06 34.97 10.10
CA PRO A 419 2.66 35.44 8.79
C PRO A 419 2.64 36.96 8.66
N LEU A 420 3.05 37.46 7.49
CA LEU A 420 3.00 38.88 7.20
C LEU A 420 1.71 39.18 6.47
N ASN A 421 0.64 39.37 7.25
CA ASN A 421 -0.70 39.61 6.74
C ASN A 421 -0.96 41.10 6.73
N GLY A 422 -1.69 41.58 5.71
CA GLY A 422 -1.99 42.99 5.59
C GLY A 422 -3.20 43.20 4.69
N PHE A 423 -3.43 44.45 4.28
CA PHE A 423 -4.61 44.78 3.49
C PHE A 423 -4.22 45.78 2.41
N GLY A 424 -4.45 45.40 1.15
CA GLY A 424 -4.37 46.37 0.07
C GLY A 424 -4.62 45.68 -1.26
N ARG A 425 -4.65 46.50 -2.33
CA ARG A 425 -4.76 45.99 -3.69
C ARG A 425 -3.49 45.23 -4.04
N LEU A 426 -3.68 44.07 -4.69
CA LEU A 426 -2.61 43.09 -4.86
C LEU A 426 -1.37 43.73 -5.48
N GLU A 427 -1.54 44.57 -6.52
CA GLU A 427 -0.42 45.22 -7.18
C GLU A 427 0.27 46.20 -6.23
N GLU A 428 -0.50 47.02 -5.49
CA GLU A 428 0.09 48.08 -4.68
C GLU A 428 0.86 47.43 -3.52
N ALA A 429 0.24 46.44 -2.86
CA ALA A 429 0.88 45.67 -1.80
C ALA A 429 2.17 45.02 -2.31
N GLU A 430 2.15 44.47 -3.54
CA GLU A 430 3.31 43.77 -4.09
C GLU A 430 4.46 44.74 -4.35
N THR A 431 4.16 45.96 -4.83
CA THR A 431 5.17 46.99 -5.02
C THR A 431 5.84 47.35 -3.70
N MET A 432 5.08 47.34 -2.59
CA MET A 432 5.62 47.66 -1.27
C MET A 432 6.42 46.51 -0.68
N ARG A 433 6.08 45.27 -1.03
CA ARG A 433 6.59 44.11 -0.33
C ARG A 433 8.10 44.02 -0.52
N LYS A 434 8.57 44.18 -1.76
CA LYS A 434 9.98 43.98 -2.05
C LYS A 434 10.59 45.30 -2.52
N GLN A 435 11.46 45.84 -1.68
CA GLN A 435 12.19 47.07 -1.97
C GLN A 435 13.33 46.73 -2.92
N GLU A 436 13.94 47.76 -3.54
CA GLU A 436 15.10 47.59 -4.40
C GLU A 436 16.23 46.89 -3.64
N ASN A 437 16.46 47.32 -2.39
CA ASN A 437 17.53 46.80 -1.55
C ASN A 437 17.21 45.39 -1.01
N GLY A 438 16.05 44.82 -1.37
CA GLY A 438 15.76 43.43 -1.08
C GLY A 438 15.28 43.25 0.36
N THR A 439 14.75 44.33 0.96
CA THR A 439 14.16 44.28 2.28
C THR A 439 12.64 44.34 2.12
N PHE A 440 11.93 43.97 3.20
CA PHE A 440 10.48 43.96 3.20
C PHE A 440 9.93 45.30 3.66
N GLY A 441 9.01 45.89 2.88
CA GLY A 441 8.30 47.11 3.27
C GLY A 441 9.26 48.16 3.84
N ASN A 442 8.88 48.76 4.98
CA ASN A 442 9.73 49.69 5.70
C ASN A 442 10.30 49.02 6.95
N SER A 443 10.50 47.70 6.90
CA SER A 443 10.93 46.92 8.05
C SER A 443 12.44 47.04 8.25
N GLY A 444 13.20 46.95 7.14
CA GLY A 444 14.64 46.81 7.17
C GLY A 444 15.09 45.34 7.04
N ILE A 445 14.18 44.38 7.24
CA ILE A 445 14.53 42.97 7.38
C ILE A 445 14.65 42.36 5.98
N ARG A 446 15.73 41.59 5.77
CA ARG A 446 16.06 40.99 4.47
C ARG A 446 15.01 39.94 4.08
N ILE A 447 14.62 39.95 2.80
CA ILE A 447 13.85 38.86 2.21
C ILE A 447 14.87 37.87 1.64
N ARG A 448 14.86 36.63 2.15
CA ARG A 448 15.80 35.60 1.70
C ARG A 448 15.41 35.17 0.29
N ASP A 449 16.41 34.98 -0.58
CA ASP A 449 16.20 34.48 -1.93
C ASP A 449 15.52 33.12 -1.89
N PHE A 450 14.56 32.93 -2.81
CA PHE A 450 13.67 31.78 -2.80
C PHE A 450 14.47 30.47 -3.00
N GLU A 451 15.59 30.55 -3.74
CA GLU A 451 16.45 29.40 -3.99
C GLU A 451 17.14 28.92 -2.72
N ASN A 452 17.45 29.84 -1.79
CA ASN A 452 18.03 29.48 -0.50
C ASN A 452 16.94 28.85 0.37
N MET A 453 17.13 27.57 0.74
CA MET A 453 16.12 26.78 1.42
C MET A 453 16.68 26.12 2.69
N LYS A 454 17.72 26.74 3.29
CA LYS A 454 18.29 26.22 4.53
C LYS A 454 17.37 26.62 5.68
N ARG A 455 16.32 25.84 5.90
CA ARG A 455 15.39 26.06 7.00
C ARG A 455 16.00 25.64 8.34
N ASP A 456 16.98 24.71 8.32
CA ASP A 456 17.61 24.21 9.52
C ASP A 456 18.80 25.09 9.94
N ASP A 457 18.94 26.28 9.32
CA ASP A 457 20.12 27.10 9.48
C ASP A 457 20.24 27.54 10.94
N ALA A 458 21.44 27.34 11.53
CA ALA A 458 21.65 27.50 12.96
C ALA A 458 22.45 28.77 13.27
N ASN A 459 22.80 29.56 12.24
CA ASN A 459 23.63 30.75 12.40
C ASN A 459 22.75 31.92 12.83
N PRO A 460 22.90 32.49 14.07
CA PRO A 460 22.09 33.63 14.48
C PRO A 460 22.19 34.87 13.60
N ALA A 461 23.35 35.04 12.96
CA ALA A 461 23.60 36.18 12.07
C ALA A 461 22.65 36.18 10.87
N ASN A 462 22.15 35.00 10.47
CA ASN A 462 21.27 34.89 9.32
C ASN A 462 19.82 35.25 9.64
N TYR A 463 19.50 35.47 10.92
CA TYR A 463 18.13 35.73 11.34
C TYR A 463 18.02 37.16 11.86
N PRO A 464 16.82 37.81 11.89
CA PRO A 464 15.61 37.31 11.24
C PRO A 464 15.65 37.50 9.73
N TYR A 465 14.85 36.72 9.00
CA TYR A 465 14.65 36.94 7.58
C TYR A 465 13.19 36.67 7.25
N ILE A 466 12.80 37.07 6.03
CA ILE A 466 11.44 36.93 5.56
C ILE A 466 11.44 36.03 4.33
N VAL A 467 10.56 35.03 4.33
CA VAL A 467 10.43 34.07 3.24
C VAL A 467 9.86 34.82 2.05
N ASP A 468 10.49 34.64 0.87
CA ASP A 468 10.04 35.32 -0.35
C ASP A 468 8.79 34.62 -0.90
N THR A 469 7.69 35.36 -0.90
CA THR A 469 6.39 34.87 -1.32
C THR A 469 5.68 36.02 -2.03
N TYR A 470 5.18 35.78 -3.25
CA TYR A 470 4.40 36.79 -3.95
C TYR A 470 3.12 37.06 -3.16
N THR A 471 2.75 38.34 -3.06
CA THR A 471 1.50 38.77 -2.45
C THR A 471 0.35 37.96 -3.03
N HIS A 472 -0.40 37.28 -2.15
CA HIS A 472 -1.63 36.62 -2.55
C HIS A 472 -2.72 36.99 -1.56
N TYR A 473 -3.98 36.83 -1.99
CA TYR A 473 -5.10 37.03 -1.10
C TYR A 473 -5.20 35.84 -0.15
N ILE A 474 -5.63 36.10 1.09
CA ILE A 474 -5.86 35.05 2.06
C ILE A 474 -7.29 34.57 1.87
N LEU A 475 -7.44 33.30 1.46
CA LEU A 475 -8.75 32.74 1.14
C LEU A 475 -8.82 31.35 1.77
N GLU A 476 -9.24 31.30 3.03
CA GLU A 476 -9.27 30.10 3.84
C GLU A 476 -10.66 29.93 4.44
N ASN A 477 -11.08 28.68 4.68
CA ASN A 477 -12.31 28.38 5.39
C ASN A 477 -13.54 29.01 4.70
N ASN A 478 -13.49 29.13 3.36
CA ASN A 478 -14.53 29.77 2.57
C ASN A 478 -14.85 31.18 3.07
N LYS A 479 -13.83 31.98 3.43
CA LYS A 479 -14.08 33.35 3.84
C LYS A 479 -13.22 34.33 3.03
N VAL A 480 -13.73 35.58 2.93
CA VAL A 480 -12.96 36.71 2.42
C VAL A 480 -12.97 37.77 3.52
N GLU A 481 -11.77 38.14 3.99
CA GLU A 481 -11.61 39.14 5.04
C GLU A 481 -11.21 40.47 4.42
N MET A 482 -11.73 41.57 4.97
CA MET A 482 -11.47 42.87 4.41
C MET A 482 -11.32 43.94 5.50
N PHE A 483 -10.66 45.03 5.11
CA PHE A 483 -10.43 46.17 5.98
C PHE A 483 -11.05 47.39 5.32
N ILE A 484 -11.79 48.19 6.10
CA ILE A 484 -12.48 49.35 5.56
C ILE A 484 -11.68 50.60 5.91
N ASN A 485 -11.19 51.30 4.89
CA ASN A 485 -10.46 52.54 5.05
C ASN A 485 -11.45 53.70 5.07
N ASP A 486 -11.21 54.70 5.93
CA ASP A 486 -12.03 55.90 5.98
C ASP A 486 -11.79 56.76 4.73
N LYS A 487 -10.55 56.88 4.28
CA LYS A 487 -10.18 57.75 3.16
C LYS A 487 -9.86 56.94 1.91
N GLU A 488 -10.07 57.58 0.74
CA GLU A 488 -9.83 56.96 -0.56
C GLU A 488 -8.34 57.02 -0.87
N ASP A 489 -7.88 56.11 -1.76
CA ASP A 489 -6.50 56.06 -2.22
C ASP A 489 -5.54 55.87 -1.03
N SER A 490 -5.97 55.09 -0.02
CA SER A 490 -5.10 54.74 1.09
C SER A 490 -3.98 53.84 0.57
N ALA A 491 -2.81 53.91 1.23
CA ALA A 491 -1.66 53.10 0.89
C ALA A 491 -1.85 51.69 1.42
N PRO A 492 -1.12 50.65 0.92
CA PRO A 492 -1.21 49.32 1.52
C PRO A 492 -0.92 49.31 3.01
N LEU A 493 -1.63 48.44 3.74
CA LEU A 493 -1.47 48.32 5.17
C LEU A 493 -0.59 47.10 5.44
N LEU A 494 0.72 47.33 5.62
CA LEU A 494 1.70 46.29 5.89
C LEU A 494 1.87 46.18 7.40
N PRO A 495 2.16 44.98 7.96
CA PRO A 495 2.32 44.86 9.41
C PRO A 495 3.65 45.45 9.88
N VAL A 496 3.63 46.09 11.05
CA VAL A 496 4.85 46.57 11.69
C VAL A 496 5.50 45.36 12.36
N ILE A 497 6.84 45.33 12.34
CA ILE A 497 7.60 44.30 13.04
C ILE A 497 8.29 44.98 14.23
N GLU A 498 8.18 44.34 15.40
CA GLU A 498 8.74 44.88 16.64
C GLU A 498 9.72 43.86 17.22
N ASP A 499 10.86 44.38 17.70
CA ASP A 499 11.90 43.59 18.35
C ASP A 499 12.37 42.48 17.40
N ASP A 500 12.34 42.73 16.08
CA ASP A 500 12.69 41.76 15.06
C ASP A 500 11.97 40.42 15.28
N ARG A 501 10.80 40.43 15.91
CA ARG A 501 10.22 39.21 16.47
C ARG A 501 8.70 39.19 16.33
N TYR A 502 8.02 40.27 16.72
CA TYR A 502 6.56 40.33 16.71
C TYR A 502 6.09 41.00 15.43
N VAL A 503 5.13 40.34 14.76
CA VAL A 503 4.46 40.90 13.61
C VAL A 503 3.12 41.46 14.12
N VAL A 504 2.99 42.78 14.17
CA VAL A 504 1.81 43.41 14.76
C VAL A 504 0.74 43.48 13.67
N LYS A 505 -0.25 42.59 13.77
CA LYS A 505 -1.26 42.41 12.75
C LYS A 505 -2.53 43.20 13.12
N THR A 506 -3.48 43.25 12.17
CA THR A 506 -4.68 44.05 12.26
C THR A 506 -5.89 43.13 12.10
N ILE A 507 -6.80 43.14 13.09
CA ILE A 507 -8.04 42.40 12.99
C ILE A 507 -8.77 42.96 11.76
N PRO A 508 -9.25 42.13 10.80
CA PRO A 508 -10.10 42.62 9.74
C PRO A 508 -11.33 43.37 10.22
N SER A 509 -11.77 44.35 9.43
CA SER A 509 -13.03 45.05 9.68
C SER A 509 -14.19 44.05 9.70
N CYS A 510 -14.19 43.14 8.72
CA CYS A 510 -15.33 42.26 8.52
C CYS A 510 -14.96 41.12 7.58
N ARG A 511 -15.80 40.08 7.62
CA ARG A 511 -15.53 38.83 6.95
C ARG A 511 -16.81 38.37 6.26
N MET A 512 -16.67 37.94 5.00
CA MET A 512 -17.78 37.58 4.13
C MET A 512 -17.58 36.12 3.70
N SER A 513 -18.68 35.36 3.66
CA SER A 513 -18.68 34.01 3.10
C SER A 513 -18.33 34.06 1.63
N THR A 514 -17.49 33.13 1.14
CA THR A 514 -17.22 33.07 -0.30
C THR A 514 -18.52 32.73 -1.04
N LEU A 515 -19.50 32.11 -0.37
CA LEU A 515 -20.79 31.83 -0.99
C LEU A 515 -21.62 33.11 -1.18
N GLU A 516 -21.24 34.22 -0.52
CA GLU A 516 -21.89 35.49 -0.74
C GLU A 516 -21.29 36.23 -1.95
N ILE A 517 -20.16 35.78 -2.49
CA ILE A 517 -19.46 36.56 -3.51
C ILE A 517 -20.25 36.56 -4.83
N PRO A 518 -20.92 35.47 -5.29
CA PRO A 518 -21.79 35.57 -6.46
C PRO A 518 -22.81 36.70 -6.38
N ALA A 519 -23.50 36.85 -5.25
CA ALA A 519 -24.52 37.89 -5.11
C ALA A 519 -23.88 39.29 -5.14
N MET A 520 -22.70 39.45 -4.53
CA MET A 520 -21.98 40.71 -4.57
C MET A 520 -21.60 41.07 -6.00
N ALA A 521 -21.02 40.10 -6.74
CA ALA A 521 -20.71 40.27 -8.15
C ALA A 521 -21.97 40.63 -8.94
N PHE A 522 -23.09 39.95 -8.68
CA PHE A 522 -24.32 40.23 -9.42
C PHE A 522 -24.79 41.65 -9.12
N HIS A 523 -24.69 42.06 -7.83
CA HIS A 523 -25.09 43.39 -7.41
C HIS A 523 -24.19 44.43 -8.10
N MET A 524 -22.89 44.14 -8.13
CA MET A 524 -21.92 45.00 -8.79
C MET A 524 -22.30 45.18 -10.25
N PHE A 525 -22.64 44.08 -10.93
CA PHE A 525 -22.98 44.11 -12.34
C PHE A 525 -24.25 44.94 -12.60
N LEU A 526 -25.24 44.89 -11.69
CA LEU A 526 -26.51 45.59 -11.90
C LEU A 526 -26.39 47.06 -11.51
N PHE A 527 -25.70 47.37 -10.40
CA PHE A 527 -25.73 48.70 -9.80
C PHE A 527 -24.43 49.50 -9.98
N GLY A 528 -23.27 48.84 -10.09
CA GLY A 528 -21.99 49.53 -10.01
C GLY A 528 -21.27 49.19 -8.71
N SER A 529 -19.92 49.11 -8.79
CA SER A 529 -19.08 48.74 -7.66
C SER A 529 -19.14 49.76 -6.52
N LYS A 530 -19.37 51.05 -6.81
CA LYS A 530 -19.39 52.04 -5.75
C LYS A 530 -20.66 51.87 -4.91
N LYS A 531 -21.79 51.57 -5.56
CA LYS A 531 -23.03 51.29 -4.84
C LYS A 531 -22.89 49.96 -4.09
N THR A 532 -22.19 48.98 -4.69
CA THR A 532 -21.96 47.73 -3.98
C THR A 532 -21.20 48.01 -2.70
N GLU A 533 -20.13 48.81 -2.80
CA GLU A 533 -19.23 49.05 -1.69
C GLU A 533 -19.95 49.77 -0.55
N LYS A 534 -20.76 50.78 -0.91
CA LYS A 534 -21.51 51.53 0.07
C LYS A 534 -22.39 50.58 0.90
N LEU A 535 -22.97 49.56 0.27
CA LEU A 535 -23.84 48.63 0.96
C LEU A 535 -23.06 47.79 1.96
N ILE A 536 -21.90 47.25 1.56
CA ILE A 536 -21.10 46.47 2.50
C ILE A 536 -20.75 47.36 3.68
N VAL A 537 -20.30 48.59 3.41
CA VAL A 537 -19.85 49.47 4.49
C VAL A 537 -21.03 49.78 5.41
N ASP A 538 -22.22 50.02 4.85
CA ASP A 538 -23.39 50.34 5.67
C ASP A 538 -23.77 49.16 6.58
N VAL A 539 -23.72 47.93 6.06
CA VAL A 539 -24.06 46.76 6.85
C VAL A 539 -23.06 46.66 8.02
N HIS A 540 -21.76 46.76 7.71
CA HIS A 540 -20.70 46.79 8.73
C HIS A 540 -20.99 47.83 9.82
N ASN A 541 -21.36 49.05 9.44
CA ASN A 541 -21.58 50.11 10.43
C ASN A 541 -22.84 49.85 11.27
N ARG A 542 -23.82 49.09 10.75
CA ARG A 542 -24.98 48.73 11.55
C ARG A 542 -24.60 47.78 12.67
N TYR A 543 -23.78 46.77 12.37
CA TYR A 543 -23.36 45.83 13.39
C TYR A 543 -22.56 46.54 14.47
N LYS A 544 -21.71 47.50 14.06
CA LYS A 544 -20.88 48.22 15.01
C LYS A 544 -21.76 49.06 15.94
N ARG A 545 -22.74 49.78 15.41
CA ARG A 545 -23.68 50.53 16.24
C ARG A 545 -24.39 49.60 17.24
N LEU A 546 -24.75 48.38 16.81
CA LEU A 546 -25.44 47.44 17.69
C LEU A 546 -24.52 47.06 18.84
N PHE A 547 -23.29 46.66 18.52
CA PHE A 547 -22.33 46.20 19.51
C PHE A 547 -21.92 47.31 20.47
N GLN A 548 -21.93 48.57 20.03
CA GLN A 548 -21.68 49.70 20.93
C GLN A 548 -22.81 49.82 21.94
N ALA A 549 -24.06 49.63 21.48
CA ALA A 549 -25.22 49.77 22.34
C ALA A 549 -25.25 48.67 23.39
N MET A 550 -24.81 47.46 22.99
CA MET A 550 -24.72 46.33 23.91
C MET A 550 -23.79 46.70 25.08
N GLN A 551 -22.65 47.32 24.78
CA GLN A 551 -21.67 47.69 25.78
C GLN A 551 -22.21 48.76 26.75
N LYS A 552 -23.20 49.55 26.32
CA LYS A 552 -23.85 50.52 27.20
C LYS A 552 -25.10 49.92 27.85
N GLU A 553 -25.43 48.65 27.54
CA GLU A 553 -26.61 47.95 28.03
C GLU A 553 -27.86 48.74 27.63
N GLU A 554 -27.99 49.01 26.31
CA GLU A 554 -29.08 49.79 25.74
C GLU A 554 -29.79 49.02 24.62
N VAL A 555 -29.83 47.68 24.73
CA VAL A 555 -30.46 46.84 23.72
C VAL A 555 -31.55 46.03 24.41
N THR A 556 -32.78 46.14 23.90
CA THR A 556 -33.95 45.54 24.51
C THR A 556 -34.76 44.85 23.41
N ALA A 557 -35.72 44.01 23.80
CA ALA A 557 -36.71 43.47 22.88
C ALA A 557 -37.51 44.60 22.22
N GLU A 558 -37.66 45.72 22.94
CA GLU A 558 -38.45 46.86 22.48
C GLU A 558 -37.73 47.62 21.37
N ASN A 559 -36.39 47.70 21.40
CA ASN A 559 -35.66 48.57 20.48
C ASN A 559 -34.75 47.78 19.52
N ILE A 560 -34.72 46.44 19.59
CA ILE A 560 -33.80 45.65 18.76
C ILE A 560 -34.03 45.95 17.27
N ALA A 561 -35.29 46.13 16.85
CA ALA A 561 -35.61 46.39 15.44
C ALA A 561 -34.97 47.69 14.95
N SER A 562 -34.79 48.69 15.83
CA SER A 562 -34.28 50.00 15.43
C SER A 562 -32.85 49.91 14.88
N PHE A 563 -32.12 48.83 15.18
CA PHE A 563 -30.73 48.70 14.75
C PHE A 563 -30.63 48.30 13.27
N GLY A 564 -31.74 47.85 12.66
CA GLY A 564 -31.78 47.65 11.21
C GLY A 564 -31.21 46.31 10.75
N ILE A 565 -31.20 45.31 11.64
CA ILE A 565 -30.66 43.98 11.37
C ILE A 565 -31.77 42.97 11.65
N ALA A 566 -32.03 42.08 10.67
CA ALA A 566 -33.08 41.07 10.79
C ALA A 566 -32.71 40.04 11.85
N GLU A 567 -33.72 39.46 12.51
CA GLU A 567 -33.55 38.48 13.57
C GLU A 567 -32.63 37.34 13.12
N SER A 568 -32.79 36.87 11.87
CA SER A 568 -32.05 35.72 11.37
C SER A 568 -30.58 36.06 11.12
N ASP A 569 -30.20 37.35 11.26
CA ASP A 569 -28.82 37.79 11.11
C ASP A 569 -28.24 38.31 12.43
N LEU A 570 -28.90 38.02 13.55
CA LEU A 570 -28.37 38.33 14.87
C LEU A 570 -27.86 37.04 15.51
N PRO A 571 -26.71 37.05 16.24
CA PRO A 571 -26.33 35.91 17.05
C PRO A 571 -27.42 35.47 18.02
N GLN A 572 -27.54 34.15 18.22
CA GLN A 572 -28.57 33.58 19.10
C GLN A 572 -28.43 34.11 20.52
N LYS A 573 -27.18 34.37 20.97
CA LYS A 573 -26.95 34.84 22.33
C LYS A 573 -27.58 36.23 22.56
N ILE A 574 -27.58 37.10 21.55
CA ILE A 574 -28.24 38.40 21.65
C ILE A 574 -29.75 38.16 21.76
N LEU A 575 -30.25 37.19 20.97
CA LEU A 575 -31.67 36.90 20.92
C LEU A 575 -32.13 36.28 22.24
N ASP A 576 -31.30 35.40 22.81
CA ASP A 576 -31.51 34.84 24.14
C ASP A 576 -31.53 35.95 25.19
N LEU A 577 -30.54 36.86 25.11
CA LEU A 577 -30.36 37.91 26.12
C LEU A 577 -31.56 38.86 26.18
N ILE A 578 -32.13 39.24 25.03
CA ILE A 578 -33.24 40.19 25.04
C ILE A 578 -34.56 39.47 25.36
N SER A 579 -34.64 38.16 25.06
CA SER A 579 -35.84 37.39 25.35
C SER A 579 -35.89 36.92 26.81
N GLY A 580 -34.78 37.11 27.55
CA GLY A 580 -34.70 36.67 28.93
C GLY A 580 -34.48 35.16 29.04
N ASN A 581 -33.79 34.57 28.04
CA ASN A 581 -33.51 33.15 28.01
C ASN A 581 -32.02 32.88 27.89
N ALA A 582 -31.18 33.75 28.48
CA ALA A 582 -29.74 33.61 28.38
C ALA A 582 -29.28 32.51 29.33
N HIS A 583 -28.48 31.57 28.81
CA HIS A 583 -28.06 30.39 29.58
C HIS A 583 -26.68 29.94 29.09
N GLY A 584 -25.90 29.35 30.00
CA GLY A 584 -24.73 28.57 29.64
C GLY A 584 -25.12 27.13 29.33
N LYS A 585 -24.19 26.38 28.74
CA LYS A 585 -24.32 24.93 28.59
C LYS A 585 -24.13 24.28 29.96
N ASP A 586 -24.71 23.07 30.15
CA ASP A 586 -24.62 22.35 31.40
C ASP A 586 -23.35 21.50 31.41
N VAL A 587 -22.34 21.92 32.21
CA VAL A 587 -21.03 21.31 32.17
C VAL A 587 -21.11 19.89 32.74
N ASP A 588 -21.89 19.68 33.80
CA ASP A 588 -21.99 18.36 34.43
C ASP A 588 -22.57 17.35 33.45
N ALA A 589 -23.67 17.71 32.78
CA ALA A 589 -24.22 16.85 31.73
C ALA A 589 -23.13 16.50 30.72
N PHE A 590 -22.34 17.51 30.32
CA PHE A 590 -21.33 17.33 29.27
C PHE A 590 -20.23 16.39 29.74
N ILE A 591 -19.86 16.50 31.02
CA ILE A 591 -18.85 15.64 31.63
C ILE A 591 -19.36 14.19 31.59
N ARG A 592 -20.57 13.97 32.14
CA ARG A 592 -21.18 12.65 32.20
C ARG A 592 -21.22 12.01 30.81
N LEU A 593 -21.60 12.80 29.80
CA LEU A 593 -21.74 12.30 28.43
C LEU A 593 -20.35 12.00 27.85
N THR A 594 -19.40 12.92 28.06
CA THR A 594 -18.07 12.78 27.48
C THR A 594 -17.38 11.52 28.06
N VAL A 595 -17.51 11.32 29.38
CA VAL A 595 -16.87 10.18 30.03
C VAL A 595 -17.42 8.89 29.42
N ASP A 596 -18.76 8.78 29.31
CA ASP A 596 -19.38 7.59 28.75
C ASP A 596 -18.92 7.36 27.31
N ASP A 597 -19.01 8.39 26.45
CA ASP A 597 -18.58 8.27 25.06
C ASP A 597 -17.14 7.75 24.97
N MET A 598 -16.25 8.27 25.82
CA MET A 598 -14.83 7.97 25.73
C MET A 598 -14.52 6.55 26.22
N LEU A 599 -15.27 6.10 27.23
CA LEU A 599 -15.14 4.74 27.73
C LEU A 599 -15.53 3.76 26.62
N THR A 600 -16.62 4.07 25.91
CA THR A 600 -17.09 3.22 24.82
C THR A 600 -16.02 3.15 23.72
N ASP A 601 -15.48 4.31 23.34
CA ASP A 601 -14.43 4.37 22.32
C ASP A 601 -13.19 3.58 22.75
N THR A 602 -12.83 3.65 24.04
CA THR A 602 -11.65 2.96 24.56
C THR A 602 -11.81 1.45 24.36
N GLU A 603 -13.02 0.94 24.63
CA GLU A 603 -13.31 -0.48 24.50
C GLU A 603 -13.35 -0.87 23.03
N ARG A 604 -13.87 0.03 22.16
CA ARG A 604 -13.85 -0.20 20.73
C ARG A 604 -12.40 -0.40 20.26
N ARG A 605 -11.49 0.48 20.72
CA ARG A 605 -10.08 0.42 20.33
C ARG A 605 -9.39 -0.82 20.92
N ILE A 606 -9.74 -1.21 22.15
CA ILE A 606 -9.14 -2.41 22.75
C ILE A 606 -9.53 -3.61 21.90
N LYS A 607 -10.82 -3.71 21.52
CA LYS A 607 -11.34 -4.86 20.80
C LYS A 607 -10.71 -4.93 19.42
N ARG A 608 -10.76 -3.81 18.67
CA ARG A 608 -10.23 -3.75 17.32
C ARG A 608 -8.78 -4.21 17.30
N PHE A 609 -8.01 -3.88 18.35
CA PHE A 609 -6.58 -4.17 18.33
C PHE A 609 -6.32 -5.64 18.64
N LYS A 610 -7.07 -6.23 19.59
CA LYS A 610 -6.96 -7.64 19.89
C LYS A 610 -7.36 -8.46 18.66
N ASP A 611 -8.44 -8.02 17.98
CA ASP A 611 -8.92 -8.68 16.78
C ASP A 611 -7.85 -8.65 15.70
N ASP A 612 -7.30 -7.46 15.41
CA ASP A 612 -6.32 -7.30 14.36
C ASP A 612 -5.04 -8.08 14.70
N SER A 632 0.12 0.07 12.07
CA SER A 632 1.11 1.17 11.88
C SER A 632 1.40 1.84 13.23
N THR A 633 2.65 1.75 13.71
CA THR A 633 3.04 2.44 14.94
C THR A 633 2.91 3.95 14.76
N GLY A 634 3.08 4.45 13.52
CA GLY A 634 2.81 5.84 13.23
C GLY A 634 1.38 6.21 13.62
N LYS A 635 0.41 5.37 13.21
CA LYS A 635 -0.99 5.55 13.55
C LYS A 635 -1.21 5.45 15.06
N LEU A 636 -0.54 4.48 15.71
CA LEU A 636 -0.64 4.34 17.16
C LEU A 636 -0.11 5.60 17.84
N ALA A 637 1.07 6.07 17.41
CA ALA A 637 1.74 7.21 18.04
C ALA A 637 0.94 8.50 17.86
N ASP A 638 0.21 8.62 16.74
CA ASP A 638 -0.68 9.76 16.55
C ASP A 638 -1.73 9.75 17.65
N PHE A 639 -2.44 8.62 17.82
CA PHE A 639 -3.47 8.50 18.84
C PHE A 639 -2.90 8.87 20.21
N LEU A 640 -1.75 8.27 20.56
CA LEU A 640 -1.20 8.38 21.91
C LEU A 640 -0.78 9.81 22.23
N ALA A 641 -0.10 10.48 21.29
CA ALA A 641 0.40 11.83 21.54
C ALA A 641 -0.78 12.80 21.74
N LYS A 642 -1.82 12.72 20.88
CA LYS A 642 -3.00 13.55 21.03
C LYS A 642 -3.63 13.35 22.41
N ASP A 643 -3.76 12.08 22.83
CA ASP A 643 -4.47 11.75 24.05
C ASP A 643 -3.67 12.16 25.27
N ILE A 644 -2.34 11.95 25.23
CA ILE A 644 -1.48 12.29 26.37
C ILE A 644 -1.60 13.80 26.63
N VAL A 645 -1.63 14.61 25.56
CA VAL A 645 -1.71 16.06 25.72
C VAL A 645 -3.14 16.45 26.11
N LEU A 646 -4.16 15.77 25.56
CA LEU A 646 -5.53 16.01 25.97
C LEU A 646 -5.67 15.86 27.48
N PHE A 647 -5.04 14.84 28.07
CA PHE A 647 -5.21 14.57 29.48
C PHE A 647 -4.21 15.35 30.33
N GLN A 648 -3.30 16.13 29.72
CA GLN A 648 -2.38 16.95 30.48
C GLN A 648 -3.13 18.17 31.02
N PRO A 649 -3.25 18.38 32.36
CA PRO A 649 -3.88 19.58 32.88
C PRO A 649 -3.20 20.86 32.42
N SER A 650 -4.01 21.90 32.18
CA SER A 650 -3.52 23.23 31.83
C SER A 650 -3.41 24.07 33.09
N VAL A 651 -2.34 24.89 33.17
CA VAL A 651 -2.20 25.95 34.16
C VAL A 651 -1.59 27.15 33.43
N ASN A 652 -1.73 28.35 34.03
CA ASN A 652 -1.06 29.56 33.58
C ASN A 652 -1.32 29.80 32.09
N ASP A 653 -2.61 29.94 31.71
CA ASP A 653 -3.00 30.19 30.33
C ASP A 653 -2.41 29.14 29.38
N GLY A 654 -2.23 27.90 29.87
CA GLY A 654 -1.79 26.78 29.05
C GLY A 654 -0.30 26.80 28.74
N GLU A 655 0.50 27.58 29.47
CA GLU A 655 1.91 27.75 29.17
C GLU A 655 2.74 26.54 29.61
N ASN A 656 2.13 25.59 30.35
CA ASN A 656 2.84 24.45 30.90
C ASN A 656 2.79 23.24 29.97
N LYS A 657 1.87 23.23 28.99
CA LYS A 657 1.60 22.04 28.20
C LYS A 657 2.67 21.90 27.11
N ILE A 658 2.71 20.72 26.48
CA ILE A 658 3.78 20.34 25.57
C ILE A 658 3.69 21.25 24.33
N THR A 659 4.83 21.82 23.93
CA THR A 659 4.91 22.78 22.83
C THR A 659 5.19 22.03 21.52
N GLY A 660 5.18 22.75 20.39
CA GLY A 660 5.18 22.18 19.05
C GLY A 660 6.32 21.21 18.79
N LEU A 661 7.57 21.68 18.97
CA LEU A 661 8.72 20.83 18.68
C LEU A 661 8.69 19.59 19.58
N ASN A 662 8.55 19.78 20.91
CA ASN A 662 8.55 18.67 21.85
C ASN A 662 7.40 17.70 21.56
N TYR A 663 6.26 18.22 21.08
CA TYR A 663 5.16 17.36 20.67
C TYR A 663 5.61 16.45 19.52
N ARG A 664 6.23 17.03 18.47
CA ARG A 664 6.69 16.26 17.33
C ARG A 664 7.69 15.20 17.81
N ILE A 665 8.57 15.56 18.75
CA ILE A 665 9.55 14.60 19.23
C ILE A 665 8.84 13.48 20.00
N MET A 666 7.94 13.82 20.92
CA MET A 666 7.25 12.80 21.68
C MET A 666 6.57 11.81 20.73
N GLN A 667 5.80 12.33 19.77
CA GLN A 667 5.07 11.48 18.85
C GLN A 667 6.02 10.56 18.07
N SER A 668 7.12 11.11 17.55
CA SER A 668 8.07 10.34 16.77
C SER A 668 8.78 9.32 17.66
N ALA A 669 9.25 9.76 18.84
CA ALA A 669 9.85 8.86 19.83
C ALA A 669 8.96 7.64 20.03
N ILE A 670 7.65 7.83 20.20
CA ILE A 670 6.74 6.71 20.43
C ILE A 670 6.73 5.81 19.19
N ALA A 671 6.50 6.41 18.00
CA ALA A 671 6.40 5.66 16.75
C ALA A 671 7.56 4.69 16.56
N VAL A 672 8.80 5.09 16.92
CA VAL A 672 10.00 4.29 16.65
C VAL A 672 10.41 3.51 17.90
N TYR A 673 9.70 3.62 19.04
CA TYR A 673 10.18 3.01 20.28
C TYR A 673 10.13 1.49 20.11
N ASP A 674 11.26 0.84 20.39
CA ASP A 674 11.36 -0.61 20.39
C ASP A 674 12.66 -1.00 21.10
N SER A 675 12.58 -1.22 22.42
CA SER A 675 13.76 -1.42 23.24
C SER A 675 14.60 -2.65 22.82
N GLY A 676 14.01 -3.85 22.73
CA GLY A 676 14.77 -5.09 22.63
C GLY A 676 14.92 -5.76 23.99
N ASP A 677 14.00 -5.42 24.91
CA ASP A 677 14.20 -5.55 26.35
C ASP A 677 15.62 -5.17 26.74
N ASP A 678 16.05 -3.97 26.29
CA ASP A 678 17.26 -3.32 26.76
C ASP A 678 16.85 -2.35 27.88
N TYR A 679 17.43 -2.54 29.08
CA TYR A 679 17.00 -1.81 30.26
C TYR A 679 17.18 -0.30 30.04
N GLU A 680 18.37 0.12 29.57
CA GLU A 680 18.65 1.53 29.36
C GLU A 680 17.63 2.15 28.40
N ALA A 681 17.28 1.43 27.33
CA ALA A 681 16.35 1.97 26.35
C ALA A 681 14.97 2.18 26.96
N LYS A 682 14.57 1.27 27.87
CA LYS A 682 13.32 1.40 28.59
C LYS A 682 13.37 2.63 29.49
N GLN A 683 14.45 2.77 30.26
CA GLN A 683 14.63 3.92 31.14
C GLN A 683 14.55 5.21 30.33
N GLN A 684 15.22 5.25 29.18
CA GLN A 684 15.26 6.43 28.33
C GLN A 684 13.84 6.81 27.90
N PHE A 685 13.03 5.82 27.50
CA PHE A 685 11.67 6.06 27.06
C PHE A 685 10.82 6.63 28.19
N LYS A 686 10.90 6.03 29.38
CA LYS A 686 10.16 6.53 30.53
C LYS A 686 10.59 7.96 30.85
N LEU A 687 11.90 8.24 30.78
CA LEU A 687 12.46 9.53 31.18
C LEU A 687 11.84 10.67 30.39
N MET A 688 11.55 10.44 29.10
CA MET A 688 10.95 11.46 28.25
C MET A 688 9.70 12.03 28.91
N PHE A 689 8.84 11.15 29.48
CA PHE A 689 7.58 11.59 30.05
C PHE A 689 7.81 12.26 31.40
N GLU A 690 8.87 11.86 32.12
CA GLU A 690 9.28 12.57 33.33
C GLU A 690 9.69 14.00 32.98
N LYS A 691 10.46 14.20 31.89
CA LYS A 691 10.95 15.53 31.51
C LYS A 691 9.82 16.42 31.01
N ALA A 692 8.82 15.82 30.36
CA ALA A 692 7.62 16.55 29.97
C ALA A 692 6.71 16.82 31.17
N ARG A 693 7.08 16.34 32.38
CA ARG A 693 6.37 16.60 33.63
C ARG A 693 4.95 16.04 33.54
N LEU A 694 4.83 14.80 33.04
CA LEU A 694 3.55 14.11 32.93
C LEU A 694 3.46 13.02 34.00
N ILE A 695 4.62 12.43 34.33
CA ILE A 695 4.76 11.45 35.39
C ILE A 695 5.88 11.95 36.29
N GLY A 696 5.96 11.39 37.49
CA GLY A 696 7.09 11.62 38.39
C GLY A 696 6.65 12.36 39.66
N LYS A 697 7.49 12.22 40.70
CA LYS A 697 7.30 12.91 41.97
C LYS A 697 7.66 14.38 41.77
N GLY A 698 6.94 15.26 42.49
CA GLY A 698 7.18 16.70 42.42
C GLY A 698 6.46 17.37 41.23
N THR A 699 5.84 16.57 40.35
CA THR A 699 5.01 17.10 39.28
C THR A 699 3.73 17.65 39.91
N THR A 700 3.25 18.80 39.40
CA THR A 700 2.09 19.49 39.95
C THR A 700 0.87 19.28 39.05
N GLU A 701 1.09 19.14 37.72
CA GLU A 701 0.00 18.89 36.77
C GLU A 701 0.20 17.53 36.09
N PRO A 702 0.21 16.38 36.80
CA PRO A 702 0.49 15.11 36.13
C PRO A 702 -0.67 14.65 35.25
N HIS A 703 -0.36 13.85 34.23
CA HIS A 703 -1.37 13.11 33.49
C HIS A 703 -2.10 12.20 34.49
N PRO A 704 -3.45 12.08 34.48
CA PRO A 704 -4.15 11.33 35.53
C PRO A 704 -3.83 9.85 35.65
N PHE A 705 -3.54 9.15 34.54
CA PHE A 705 -3.36 7.69 34.60
C PHE A 705 -2.09 7.19 33.90
N LEU A 706 -1.26 8.05 33.28
CA LEU A 706 -0.12 7.59 32.50
C LEU A 706 0.89 6.87 33.37
N TYR A 707 1.07 7.34 34.63
CA TYR A 707 2.03 6.75 35.55
C TYR A 707 1.72 5.27 35.83
N LYS A 708 0.45 4.86 35.72
CA LYS A 708 0.08 3.48 35.94
C LYS A 708 0.64 2.60 34.82
N VAL A 709 0.73 3.16 33.61
CA VAL A 709 1.33 2.47 32.47
C VAL A 709 2.76 2.03 32.81
N PHE A 710 3.50 2.82 33.62
CA PHE A 710 4.89 2.52 33.92
C PHE A 710 5.06 1.84 35.30
N ALA A 711 3.96 1.66 36.05
CA ALA A 711 4.01 0.92 37.30
C ALA A 711 4.34 -0.55 37.02
N ARG A 712 5.10 -1.17 37.95
CA ARG A 712 5.52 -2.57 37.86
C ARG A 712 6.64 -2.74 36.83
N SER A 713 6.40 -2.38 35.55
CA SER A 713 7.37 -2.55 34.49
C SER A 713 7.17 -1.52 33.38
N ILE A 714 8.25 -1.21 32.66
CA ILE A 714 8.19 -0.31 31.51
C ILE A 714 7.84 -1.15 30.29
N PRO A 715 6.81 -0.79 29.47
CA PRO A 715 6.54 -1.53 28.25
C PRO A 715 7.71 -1.52 27.27
N ALA A 716 7.86 -2.61 26.52
CA ALA A 716 9.09 -2.89 25.78
C ALA A 716 9.11 -2.16 24.44
N ASN A 717 7.93 -1.86 23.86
CA ASN A 717 7.85 -1.27 22.53
C ASN A 717 6.55 -0.45 22.41
N ALA A 718 6.39 0.26 21.28
CA ALA A 718 5.22 1.10 21.05
C ALA A 718 3.94 0.29 21.16
N VAL A 719 3.95 -0.96 20.67
CA VAL A 719 2.74 -1.80 20.61
C VAL A 719 2.34 -2.18 22.04
N GLU A 720 3.30 -2.62 22.86
CA GLU A 720 3.01 -2.87 24.27
C GLU A 720 2.48 -1.60 24.94
N PHE A 721 3.06 -0.44 24.60
CA PHE A 721 2.71 0.81 25.25
C PHE A 721 1.27 1.21 24.92
N TYR A 722 0.86 1.05 23.66
CA TYR A 722 -0.50 1.36 23.24
C TYR A 722 -1.51 0.50 23.99
N GLU A 723 -1.24 -0.81 24.09
CA GLU A 723 -2.14 -1.72 24.80
C GLU A 723 -2.29 -1.28 26.25
N ARG A 724 -1.18 -1.07 26.96
CA ARG A 724 -1.21 -0.74 28.38
C ARG A 724 -1.89 0.61 28.58
N TYR A 725 -1.60 1.55 27.67
CA TYR A 725 -2.22 2.87 27.73
C TYR A 725 -3.74 2.73 27.68
N LEU A 726 -4.28 1.90 26.78
CA LEU A 726 -5.72 1.77 26.61
C LEU A 726 -6.37 1.09 27.81
N ILE A 727 -5.70 0.10 28.40
CA ILE A 727 -6.22 -0.58 29.59
C ILE A 727 -6.32 0.42 30.73
N GLU A 728 -5.25 1.19 30.94
CA GLU A 728 -5.22 2.18 32.01
C GLU A 728 -6.25 3.27 31.75
N ARG A 729 -6.45 3.66 30.49
CA ARG A 729 -7.48 4.63 30.15
C ARG A 729 -8.85 4.11 30.54
N LYS A 730 -9.11 2.82 30.24
CA LYS A 730 -10.38 2.18 30.54
C LYS A 730 -10.64 2.19 32.05
N PHE A 731 -9.63 1.90 32.86
CA PHE A 731 -9.79 1.84 34.31
C PHE A 731 -10.08 3.23 34.88
N TYR A 732 -9.40 4.25 34.34
CA TYR A 732 -9.59 5.63 34.77
C TYR A 732 -11.03 6.07 34.49
N LEU A 733 -11.50 5.85 33.27
CA LEU A 733 -12.82 6.29 32.85
C LEU A 733 -13.92 5.48 33.55
N THR A 734 -13.67 4.20 33.84
CA THR A 734 -14.63 3.38 34.57
C THR A 734 -14.81 3.98 35.97
N GLY A 735 -13.69 4.24 36.66
CA GLY A 735 -13.70 4.90 37.94
C GLY A 735 -14.55 6.17 37.92
N LEU A 736 -14.35 7.02 36.90
CA LEU A 736 -15.08 8.28 36.78
C LEU A 736 -16.57 8.00 36.62
N SER A 737 -16.93 7.11 35.69
CA SER A 737 -18.32 6.70 35.48
C SER A 737 -18.97 6.25 36.79
N ASN A 738 -18.26 5.43 37.57
CA ASN A 738 -18.79 4.90 38.83
C ASN A 738 -19.00 6.03 39.85
N GLU A 739 -18.13 7.04 39.86
CA GLU A 739 -18.28 8.17 40.76
C GLU A 739 -19.45 9.06 40.31
N ILE A 740 -19.60 9.24 38.99
CA ILE A 740 -20.73 9.97 38.43
C ILE A 740 -22.04 9.28 38.85
N LYS A 741 -22.06 7.93 38.78
CA LYS A 741 -23.26 7.15 39.10
C LYS A 741 -23.62 7.27 40.59
N LYS A 742 -22.64 7.51 41.47
CA LYS A 742 -22.90 7.76 42.88
C LYS A 742 -23.39 9.19 43.11
N GLY A 743 -23.45 10.02 42.04
CA GLY A 743 -23.92 11.39 42.13
C GLY A 743 -22.79 12.36 42.51
N ASN A 744 -21.54 11.86 42.56
CA ASN A 744 -20.41 12.68 42.96
C ASN A 744 -19.99 13.57 41.79
N ARG A 745 -19.27 14.65 42.12
CA ARG A 745 -18.69 15.56 41.14
C ARG A 745 -17.32 15.04 40.72
N VAL A 746 -17.10 14.90 39.41
CA VAL A 746 -15.80 14.52 38.87
C VAL A 746 -15.29 15.65 37.97
N ASP A 747 -13.97 15.69 37.77
CA ASP A 747 -13.35 16.63 36.85
C ASP A 747 -12.41 15.87 35.91
N VAL A 748 -12.37 16.29 34.63
CA VAL A 748 -11.40 15.79 33.69
C VAL A 748 -10.51 16.97 33.26
N PRO A 749 -9.20 16.76 32.98
CA PRO A 749 -8.31 17.85 32.55
C PRO A 749 -8.83 18.77 31.45
N PHE A 750 -9.55 18.22 30.47
CA PHE A 750 -9.82 18.91 29.22
C PHE A 750 -11.22 19.52 29.22
N ILE A 751 -11.93 19.45 30.35
CA ILE A 751 -13.15 20.22 30.53
C ILE A 751 -12.89 21.18 31.69
N ARG A 752 -13.14 22.46 31.44
CA ARG A 752 -12.71 23.53 32.33
C ARG A 752 -13.92 24.40 32.62
N ARG A 753 -14.31 24.43 33.91
CA ARG A 753 -15.60 24.99 34.31
C ARG A 753 -15.60 26.51 34.15
N ASP A 754 -14.41 27.13 34.15
CA ASP A 754 -14.24 28.58 34.10
C ASP A 754 -14.44 29.14 32.68
N GLN A 755 -14.56 28.30 31.64
CA GLN A 755 -14.78 28.79 30.29
C GLN A 755 -16.20 29.35 30.15
N ASN A 756 -16.33 30.49 29.43
CA ASN A 756 -17.59 31.18 29.19
C ASN A 756 -18.69 30.27 28.66
N LYS A 757 -18.30 29.30 27.82
CA LYS A 757 -19.17 28.23 27.34
C LYS A 757 -20.20 27.83 28.40
N TRP A 758 -19.76 27.73 29.67
CA TRP A 758 -20.57 27.14 30.73
C TRP A 758 -21.33 28.19 31.54
N LYS A 759 -21.05 29.48 31.32
CA LYS A 759 -21.65 30.55 32.10
C LYS A 759 -22.77 31.19 31.28
N THR A 760 -23.65 31.94 31.96
CA THR A 760 -24.65 32.75 31.30
C THR A 760 -23.95 33.91 30.58
N PRO A 761 -24.23 34.19 29.28
CA PRO A 761 -23.67 35.38 28.65
C PRO A 761 -24.25 36.69 29.20
N ALA A 762 -23.40 37.72 29.27
CA ALA A 762 -23.79 39.07 29.66
C ALA A 762 -23.75 40.00 28.44
N MET A 763 -24.67 40.97 28.40
CA MET A 763 -24.80 41.91 27.30
C MET A 763 -23.49 42.68 27.11
N LYS A 764 -22.97 43.26 28.20
CA LYS A 764 -21.86 44.20 28.14
C LYS A 764 -20.56 43.48 27.77
N THR A 765 -20.34 42.29 28.33
CA THR A 765 -19.13 41.52 28.06
C THR A 765 -19.13 41.08 26.59
N LEU A 766 -20.30 40.68 26.10
CA LEU A 766 -20.45 40.14 24.76
C LEU A 766 -20.34 41.27 23.73
N GLY A 767 -20.95 42.41 24.05
CA GLY A 767 -20.82 43.64 23.27
C GLY A 767 -19.36 43.94 22.94
N ARG A 768 -18.48 43.85 23.94
CA ARG A 768 -17.09 44.23 23.76
C ARG A 768 -16.37 43.22 22.86
N ILE A 769 -16.63 41.93 23.06
CA ILE A 769 -15.98 40.89 22.28
C ILE A 769 -16.38 41.04 20.81
N TYR A 770 -17.67 41.28 20.56
CA TYR A 770 -18.16 41.47 19.20
C TYR A 770 -17.57 42.74 18.58
N SER A 771 -17.45 43.84 19.34
CA SER A 771 -16.96 45.09 18.75
C SER A 771 -15.44 45.05 18.57
N GLU A 772 -14.69 44.64 19.61
CA GLU A 772 -13.26 44.91 19.64
C GLU A 772 -12.44 43.70 19.17
N ASP A 773 -12.86 42.48 19.52
CA ASP A 773 -11.97 41.33 19.42
C ASP A 773 -12.06 40.63 18.07
N LEU A 774 -13.23 40.62 17.42
CA LEU A 774 -13.47 39.80 16.24
C LEU A 774 -13.76 40.69 15.04
N PRO A 775 -13.57 40.22 13.77
CA PRO A 775 -14.20 40.85 12.63
C PRO A 775 -15.72 40.76 12.70
N VAL A 776 -16.43 41.70 12.10
CA VAL A 776 -17.86 41.56 11.93
C VAL A 776 -18.10 40.39 10.97
N GLU A 777 -18.96 39.42 11.36
CA GLU A 777 -19.38 38.37 10.43
C GLU A 777 -20.54 38.89 9.61
N LEU A 778 -20.29 39.14 8.33
CA LEU A 778 -21.31 39.74 7.47
C LEU A 778 -22.39 38.70 7.22
N PRO A 779 -23.68 39.09 7.10
CA PRO A 779 -24.74 38.11 6.91
C PRO A 779 -24.79 37.58 5.48
N ARG A 780 -25.41 36.40 5.32
CA ARG A 780 -25.77 35.92 4.00
C ARG A 780 -27.05 36.64 3.55
N GLN A 781 -27.20 36.79 2.22
CA GLN A 781 -28.30 37.48 1.55
C GLN A 781 -28.27 38.99 1.79
N MET A 782 -27.09 39.59 1.94
CA MET A 782 -27.03 41.03 2.17
C MET A 782 -27.46 41.82 0.92
N PHE A 783 -27.29 41.27 -0.31
CA PHE A 783 -27.54 42.04 -1.54
C PHE A 783 -28.90 41.69 -2.14
N ASP A 784 -29.63 40.73 -1.55
CA ASP A 784 -30.84 40.16 -2.14
C ASP A 784 -31.93 41.21 -2.35
N ASN A 785 -32.28 42.00 -1.32
CA ASN A 785 -33.40 42.93 -1.44
C ASN A 785 -33.15 43.90 -2.59
N GLU A 786 -31.93 44.44 -2.69
CA GLU A 786 -31.61 45.40 -3.74
C GLU A 786 -31.63 44.72 -5.10
N ILE A 787 -31.00 43.54 -5.24
CA ILE A 787 -31.06 42.77 -6.47
C ILE A 787 -32.53 42.60 -6.89
N LYS A 788 -33.39 42.14 -5.97
CA LYS A 788 -34.78 41.82 -6.32
C LYS A 788 -35.57 43.07 -6.72
N SER A 789 -35.29 44.22 -6.10
CA SER A 789 -36.02 45.44 -6.42
C SER A 789 -35.68 45.89 -7.84
N HIS A 790 -34.40 45.78 -8.21
CA HIS A 790 -33.95 46.12 -9.55
C HIS A 790 -34.69 45.26 -10.55
N LEU A 791 -34.60 43.93 -10.37
CA LEU A 791 -35.10 42.97 -11.35
C LEU A 791 -36.62 43.08 -11.47
N LYS A 792 -37.33 43.33 -10.36
CA LYS A 792 -38.76 43.58 -10.40
C LYS A 792 -39.11 44.71 -11.38
N SER A 793 -38.24 45.72 -11.53
CA SER A 793 -38.51 46.85 -12.41
C SER A 793 -38.32 46.49 -13.89
N LEU A 794 -37.59 45.40 -14.21
CA LEU A 794 -37.34 45.02 -15.60
C LEU A 794 -38.57 44.31 -16.14
N PRO A 795 -39.13 44.69 -17.32
CA PRO A 795 -40.35 44.06 -17.82
C PRO A 795 -40.19 42.61 -18.26
N GLN A 796 -38.97 42.19 -18.63
CA GLN A 796 -38.71 40.82 -19.06
C GLN A 796 -38.85 39.84 -17.88
N MET A 797 -38.77 40.34 -16.64
CA MET A 797 -38.80 39.49 -15.46
C MET A 797 -40.21 39.45 -14.87
N GLU A 798 -41.24 39.80 -15.65
CA GLU A 798 -42.53 40.15 -15.07
C GLU A 798 -43.20 38.93 -14.45
N GLY A 799 -43.05 37.75 -15.07
CA GLY A 799 -43.78 36.56 -14.62
C GLY A 799 -42.94 35.66 -13.72
N ILE A 800 -42.26 36.23 -12.71
CA ILE A 800 -41.56 35.39 -11.75
C ILE A 800 -42.06 35.70 -10.35
N ASP A 801 -42.21 34.64 -9.55
CA ASP A 801 -42.61 34.76 -8.15
C ASP A 801 -41.38 35.12 -7.32
N PHE A 802 -41.20 36.42 -7.03
CA PHE A 802 -40.05 36.92 -6.30
C PHE A 802 -40.13 36.57 -4.81
N ASN A 803 -41.26 35.99 -4.34
CA ASN A 803 -41.35 35.52 -2.97
C ASN A 803 -40.73 34.13 -2.81
N ASN A 804 -40.51 33.40 -3.91
CA ASN A 804 -39.73 32.16 -3.87
C ASN A 804 -38.68 32.19 -4.97
N ALA A 805 -37.67 33.06 -4.80
CA ALA A 805 -36.65 33.30 -5.80
C ALA A 805 -35.33 33.69 -5.11
N ASN A 806 -34.36 32.78 -5.08
CA ASN A 806 -33.06 33.10 -4.50
C ASN A 806 -32.17 33.68 -5.61
N VAL A 807 -30.95 34.10 -5.25
CA VAL A 807 -30.08 34.79 -6.20
C VAL A 807 -29.52 33.79 -7.22
N THR A 808 -29.23 32.55 -6.82
CA THR A 808 -28.86 31.52 -7.78
C THR A 808 -29.94 31.43 -8.86
N TYR A 809 -31.22 31.35 -8.45
CA TYR A 809 -32.32 31.26 -9.39
C TYR A 809 -32.33 32.47 -10.31
N LEU A 810 -32.19 33.68 -9.74
CA LEU A 810 -32.42 34.92 -10.47
C LEU A 810 -31.29 35.21 -11.47
N ILE A 811 -30.05 34.81 -11.17
CA ILE A 811 -28.97 34.95 -12.14
C ILE A 811 -29.37 34.18 -13.41
N ALA A 812 -29.81 32.92 -13.25
CA ALA A 812 -30.21 32.10 -14.38
C ALA A 812 -31.40 32.72 -15.12
N GLU A 813 -32.40 33.23 -14.39
CA GLU A 813 -33.54 33.87 -15.04
C GLU A 813 -33.09 35.14 -15.78
N TYR A 814 -32.13 35.90 -15.23
CA TYR A 814 -31.59 37.07 -15.89
C TYR A 814 -30.95 36.68 -17.23
N MET A 815 -30.06 35.67 -17.20
CA MET A 815 -29.38 35.22 -18.41
C MET A 815 -30.41 34.85 -19.48
N LYS A 816 -31.45 34.09 -19.08
CA LYS A 816 -32.43 33.57 -20.01
C LYS A 816 -33.34 34.68 -20.54
N ARG A 817 -33.88 35.53 -19.64
CA ARG A 817 -35.00 36.40 -19.99
C ARG A 817 -34.57 37.78 -20.46
N VAL A 818 -33.46 38.32 -19.93
CA VAL A 818 -32.99 39.64 -20.30
C VAL A 818 -31.94 39.51 -21.41
N LEU A 819 -31.15 38.42 -21.42
CA LEU A 819 -30.00 38.33 -22.31
C LEU A 819 -30.14 37.26 -23.40
N ASP A 820 -31.19 36.42 -23.37
CA ASP A 820 -31.37 35.33 -24.33
C ASP A 820 -30.13 34.44 -24.36
N ASP A 821 -29.60 34.12 -23.17
CA ASP A 821 -28.39 33.34 -23.05
C ASP A 821 -28.75 32.08 -22.27
N ASP A 822 -27.79 31.16 -22.12
CA ASP A 822 -27.96 29.99 -21.27
C ASP A 822 -26.56 29.56 -20.83
N PHE A 823 -26.49 28.61 -19.90
CA PHE A 823 -25.23 28.10 -19.41
C PHE A 823 -24.53 27.31 -20.51
N GLN A 824 -23.26 26.97 -20.27
CA GLN A 824 -22.50 26.15 -21.19
C GLN A 824 -23.22 24.80 -21.38
N THR A 825 -23.19 24.29 -22.62
CA THR A 825 -23.86 23.05 -23.01
C THR A 825 -23.47 21.88 -22.11
N PHE A 826 -22.23 21.83 -21.61
CA PHE A 826 -21.80 20.69 -20.82
C PHE A 826 -22.49 20.59 -19.45
N TYR A 827 -23.33 21.56 -19.05
CA TYR A 827 -24.10 21.41 -17.81
C TYR A 827 -25.42 20.69 -18.06
N GLN A 828 -25.72 20.36 -19.33
CA GLN A 828 -26.90 19.57 -19.66
C GLN A 828 -26.56 18.09 -19.84
N TRP A 829 -25.27 17.75 -19.89
CA TRP A 829 -24.86 16.37 -20.17
C TRP A 829 -25.24 15.47 -19.00
N ASN A 830 -25.51 14.20 -19.35
CA ASN A 830 -25.91 13.19 -18.39
C ASN A 830 -24.79 12.90 -17.41
N ARG A 831 -25.15 12.60 -16.15
CA ARG A 831 -24.17 12.40 -15.10
C ARG A 831 -24.38 11.07 -14.40
N ASN A 832 -23.31 10.53 -13.80
CA ASN A 832 -23.35 9.29 -13.06
C ASN A 832 -23.14 9.54 -11.56
N TYR A 833 -23.99 8.89 -10.75
CA TYR A 833 -23.87 8.88 -9.30
C TYR A 833 -24.19 7.50 -8.76
N ARG A 834 -23.32 6.99 -7.87
CA ARG A 834 -23.55 5.71 -7.22
C ARG A 834 -24.94 5.67 -6.62
N TYR A 835 -25.31 6.70 -5.84
CA TYR A 835 -26.61 6.74 -5.18
C TYR A 835 -27.74 6.55 -6.19
N MET A 836 -27.62 7.14 -7.38
CA MET A 836 -28.68 7.04 -8.39
C MET A 836 -28.66 5.64 -9.02
N ASP A 837 -27.47 5.03 -9.16
CA ASP A 837 -27.37 3.63 -9.52
C ASP A 837 -28.18 2.77 -8.55
N MET A 838 -27.94 2.91 -7.25
CA MET A 838 -28.66 2.16 -6.23
C MET A 838 -30.17 2.39 -6.35
N LEU A 839 -30.60 3.64 -6.60
CA LEU A 839 -32.03 3.95 -6.68
C LEU A 839 -32.63 3.41 -7.98
N LYS A 840 -31.81 3.22 -9.03
CA LYS A 840 -32.32 2.77 -10.31
C LYS A 840 -32.47 1.25 -10.29
N GLY A 841 -31.54 0.56 -9.60
CA GLY A 841 -31.65 -0.88 -9.36
C GLY A 841 -31.64 -1.64 -10.67
N GLU A 842 -30.48 -1.64 -11.33
CA GLU A 842 -30.25 -2.28 -12.62
C GLU A 842 -28.93 -3.04 -12.55
N TYR A 843 -28.98 -4.34 -12.89
CA TYR A 843 -27.84 -5.22 -12.74
C TYR A 843 -27.53 -5.85 -14.09
N ASP A 844 -26.25 -6.16 -14.33
CA ASP A 844 -25.83 -6.86 -15.54
C ASP A 844 -25.82 -8.36 -15.24
N ARG A 845 -25.55 -9.20 -16.26
CA ARG A 845 -25.79 -10.63 -16.22
C ARG A 845 -25.01 -11.31 -15.10
N LYS A 846 -23.77 -10.85 -14.86
CA LYS A 846 -22.92 -11.34 -13.78
C LYS A 846 -23.52 -11.01 -12.40
N GLY A 847 -24.27 -9.91 -12.30
CA GLY A 847 -24.98 -9.54 -11.08
C GLY A 847 -24.56 -8.18 -10.51
N SER A 848 -23.60 -7.50 -11.15
CA SER A 848 -23.06 -6.23 -10.67
C SER A 848 -24.04 -5.09 -10.97
N LEU A 849 -24.00 -4.05 -10.13
CA LEU A 849 -24.84 -2.87 -10.26
C LEU A 849 -24.32 -2.00 -11.41
N GLN A 850 -25.22 -1.52 -12.27
CA GLN A 850 -24.84 -0.82 -13.50
C GLN A 850 -24.54 0.64 -13.16
N HIS A 851 -23.57 1.22 -13.88
CA HIS A 851 -23.31 2.65 -13.89
C HIS A 851 -24.22 3.31 -14.92
N CYS A 852 -25.29 3.96 -14.44
CA CYS A 852 -26.18 4.73 -15.31
C CYS A 852 -25.65 6.15 -15.46
N PHE A 853 -25.98 6.78 -16.60
CA PHE A 853 -25.81 8.22 -16.79
C PHE A 853 -27.21 8.80 -16.96
N THR A 854 -27.66 9.59 -15.97
CA THR A 854 -29.01 10.11 -15.93
C THR A 854 -29.02 11.58 -16.36
N SER A 855 -30.19 12.05 -16.81
CA SER A 855 -30.47 13.47 -16.95
C SER A 855 -30.94 14.03 -15.61
N VAL A 856 -31.02 15.36 -15.50
CA VAL A 856 -31.47 15.99 -14.27
C VAL A 856 -32.94 15.65 -14.05
N GLU A 857 -33.72 15.56 -15.14
CA GLU A 857 -35.14 15.23 -15.05
C GLU A 857 -35.29 13.82 -14.47
N GLU A 858 -34.45 12.87 -14.93
CA GLU A 858 -34.52 11.51 -14.43
C GLU A 858 -34.26 11.49 -12.93
N ARG A 859 -33.19 12.18 -12.49
CA ARG A 859 -32.80 12.22 -11.09
C ARG A 859 -33.86 12.88 -10.23
N GLU A 860 -34.46 13.98 -10.71
CA GLU A 860 -35.59 14.58 -10.00
C GLU A 860 -36.59 13.49 -9.63
N GLY A 861 -36.96 12.64 -10.61
CA GLY A 861 -37.98 11.63 -10.42
C GLY A 861 -37.52 10.45 -9.57
N LEU A 862 -36.26 10.03 -9.70
CA LEU A 862 -35.73 8.98 -8.84
C LEU A 862 -35.80 9.47 -7.39
N TRP A 863 -35.38 10.72 -7.16
CA TRP A 863 -35.30 11.30 -5.82
C TRP A 863 -36.69 11.32 -5.17
N LYS A 864 -37.72 11.73 -5.91
CA LYS A 864 -39.10 11.66 -5.42
C LYS A 864 -39.46 10.25 -4.94
N GLU A 865 -38.93 9.21 -5.60
CA GLU A 865 -39.30 7.83 -5.33
C GLU A 865 -38.22 7.10 -4.53
N ARG A 866 -37.38 7.85 -3.78
CA ARG A 866 -36.22 7.28 -3.14
C ARG A 866 -36.59 6.30 -2.02
N ALA A 867 -37.74 6.48 -1.34
CA ALA A 867 -38.10 5.61 -0.23
C ALA A 867 -38.36 4.18 -0.71
N SER A 868 -39.28 4.03 -1.68
CA SER A 868 -39.58 2.74 -2.28
C SER A 868 -38.30 2.12 -2.83
N ARG A 869 -37.55 2.91 -3.61
CA ARG A 869 -36.41 2.41 -4.37
C ARG A 869 -35.27 2.01 -3.42
N THR A 870 -35.14 2.71 -2.28
CA THR A 870 -34.15 2.34 -1.27
C THR A 870 -34.54 0.99 -0.66
N GLU A 871 -35.85 0.77 -0.43
CA GLU A 871 -36.33 -0.49 0.11
C GLU A 871 -35.86 -1.62 -0.81
N ARG A 872 -36.23 -1.57 -2.10
CA ARG A 872 -35.78 -2.55 -3.07
C ARG A 872 -34.27 -2.74 -3.00
N TYR A 873 -33.51 -1.63 -2.96
CA TYR A 873 -32.07 -1.72 -3.07
C TYR A 873 -31.53 -2.56 -1.91
N ARG A 874 -31.98 -2.26 -0.69
CA ARG A 874 -31.46 -2.87 0.51
C ARG A 874 -31.75 -4.37 0.51
N LYS A 875 -33.01 -4.75 0.19
CA LYS A 875 -33.41 -6.13 0.07
C LYS A 875 -32.41 -6.91 -0.77
N GLN A 876 -32.15 -6.46 -2.02
CA GLN A 876 -31.25 -7.16 -2.94
C GLN A 876 -29.83 -7.15 -2.38
N ALA A 877 -29.38 -5.99 -1.87
CA ALA A 877 -28.00 -5.81 -1.45
C ALA A 877 -27.66 -6.70 -0.24
N SER A 878 -28.62 -6.85 0.69
CA SER A 878 -28.45 -7.70 1.85
C SER A 878 -28.27 -9.16 1.44
N ASN A 879 -29.12 -9.63 0.50
CA ASN A 879 -29.02 -10.98 -0.03
C ASN A 879 -27.63 -11.24 -0.59
N LYS A 880 -27.06 -10.25 -1.30
CA LYS A 880 -25.73 -10.38 -1.91
C LYS A 880 -24.67 -10.66 -0.85
N ILE A 881 -24.76 -9.98 0.32
CA ILE A 881 -23.85 -10.21 1.43
C ILE A 881 -24.18 -11.54 2.08
N ARG A 882 -25.48 -11.84 2.23
CA ARG A 882 -25.97 -13.05 2.88
C ARG A 882 -25.66 -14.29 2.04
N SER A 883 -25.61 -14.13 0.71
CA SER A 883 -25.26 -15.21 -0.21
C SER A 883 -23.76 -15.57 -0.12
N ASN A 884 -22.92 -14.58 0.21
CA ASN A 884 -21.48 -14.80 0.35
C ASN A 884 -21.24 -15.76 1.52
N ARG A 885 -20.21 -16.61 1.38
CA ARG A 885 -20.03 -17.80 2.20
C ARG A 885 -19.75 -17.46 3.66
N GLN A 886 -19.05 -16.34 3.91
CA GLN A 886 -18.77 -15.86 5.27
C GLN A 886 -20.08 -15.74 6.05
N MET A 887 -20.11 -16.34 7.26
CA MET A 887 -21.33 -16.52 8.03
C MET A 887 -21.42 -15.40 9.08
N ARG A 888 -22.16 -14.33 8.72
CA ARG A 888 -22.54 -13.27 9.65
C ARG A 888 -24.03 -12.97 9.48
N ASN A 889 -24.83 -14.01 9.17
CA ASN A 889 -26.23 -13.87 8.82
C ASN A 889 -27.11 -13.98 10.07
N ALA A 890 -26.63 -14.70 11.11
CA ALA A 890 -27.35 -14.85 12.37
C ALA A 890 -27.54 -13.50 13.06
N SER A 891 -26.50 -12.65 13.04
CA SER A 891 -26.57 -11.31 13.61
C SER A 891 -27.43 -10.39 12.74
N SER A 892 -28.24 -9.54 13.38
CA SER A 892 -29.17 -8.65 12.70
C SER A 892 -28.50 -7.32 12.36
N GLU A 893 -27.68 -6.79 13.29
CA GLU A 893 -27.12 -5.46 13.20
C GLU A 893 -26.07 -5.36 12.09
N GLU A 894 -25.31 -6.44 11.87
CA GLU A 894 -24.12 -6.44 11.01
C GLU A 894 -24.44 -5.84 9.63
N ILE A 895 -25.48 -6.34 8.97
CA ILE A 895 -25.73 -6.05 7.56
C ILE A 895 -26.39 -4.67 7.45
N GLU A 896 -27.44 -4.45 8.27
CA GLU A 896 -28.21 -3.22 8.23
C GLU A 896 -27.29 -2.01 8.46
N THR A 897 -26.28 -2.14 9.34
CA THR A 897 -25.31 -1.07 9.59
C THR A 897 -24.46 -0.83 8.33
N ILE A 898 -23.96 -1.90 7.70
CA ILE A 898 -23.12 -1.78 6.51
C ILE A 898 -23.87 -1.01 5.42
N LEU A 899 -25.18 -1.31 5.26
CA LEU A 899 -25.99 -0.70 4.22
C LEU A 899 -26.36 0.73 4.59
N ASP A 900 -26.73 0.96 5.85
CA ASP A 900 -26.99 2.31 6.35
C ASP A 900 -25.88 3.26 5.93
N LYS A 901 -24.62 2.88 6.19
CA LYS A 901 -23.49 3.75 5.92
C LYS A 901 -23.29 3.89 4.42
N ARG A 902 -23.53 2.81 3.67
CA ARG A 902 -23.39 2.84 2.21
C ARG A 902 -24.33 3.87 1.61
N LEU A 903 -25.60 3.87 2.04
CA LEU A 903 -26.61 4.72 1.42
C LEU A 903 -26.46 6.17 1.89
N SER A 904 -26.18 6.38 3.19
CA SER A 904 -25.94 7.72 3.69
C SER A 904 -24.79 8.39 2.93
N ASN A 905 -23.64 7.72 2.87
CA ASN A 905 -22.47 8.35 2.28
C ASN A 905 -22.78 8.70 0.83
N SER A 906 -23.31 7.73 0.08
CA SER A 906 -23.63 7.94 -1.33
C SER A 906 -24.61 9.11 -1.50
N ARG A 907 -25.71 9.08 -0.72
CA ARG A 907 -26.71 10.13 -0.83
C ARG A 907 -26.06 11.49 -0.56
N ASN A 908 -25.23 11.59 0.49
CA ASN A 908 -24.62 12.87 0.85
C ASN A 908 -23.68 13.34 -0.25
N GLU A 909 -22.90 12.41 -0.84
CA GLU A 909 -22.01 12.78 -1.92
C GLU A 909 -22.80 13.35 -3.09
N TYR A 910 -23.94 12.73 -3.42
CA TYR A 910 -24.73 13.13 -4.58
C TYR A 910 -25.29 14.54 -4.35
N GLN A 911 -25.91 14.75 -3.19
CA GLN A 911 -26.58 16.01 -2.89
C GLN A 911 -25.59 17.17 -2.92
N LYS A 912 -24.43 17.00 -2.27
CA LYS A 912 -23.45 18.07 -2.21
C LYS A 912 -22.95 18.41 -3.61
N SER A 913 -22.60 17.37 -4.39
CA SER A 913 -22.11 17.54 -5.74
C SER A 913 -23.12 18.31 -6.60
N GLU A 914 -24.40 17.94 -6.53
CA GLU A 914 -25.39 18.60 -7.34
C GLU A 914 -25.53 20.08 -6.95
N LYS A 915 -25.46 20.37 -5.65
CA LYS A 915 -25.56 21.74 -5.15
C LYS A 915 -24.38 22.57 -5.64
N VAL A 916 -23.18 22.01 -5.57
CA VAL A 916 -21.99 22.75 -5.95
C VAL A 916 -21.97 23.01 -7.46
N ILE A 917 -22.34 22.03 -8.29
CA ILE A 917 -22.36 22.23 -9.74
C ILE A 917 -23.33 23.36 -10.08
N ARG A 918 -24.48 23.44 -9.39
CA ARG A 918 -25.43 24.54 -9.62
C ARG A 918 -24.82 25.90 -9.31
N ARG A 919 -23.85 25.94 -8.39
CA ARG A 919 -23.15 27.17 -8.05
C ARG A 919 -22.16 27.51 -9.16
N TYR A 920 -21.42 26.50 -9.64
CA TYR A 920 -20.49 26.70 -10.75
C TYR A 920 -21.23 27.30 -11.95
N ARG A 921 -22.48 26.89 -12.23
CA ARG A 921 -23.20 27.45 -13.37
C ARG A 921 -23.30 28.97 -13.27
N VAL A 922 -23.80 29.47 -12.14
CA VAL A 922 -24.12 30.89 -12.01
C VAL A 922 -22.83 31.67 -11.79
N GLN A 923 -21.82 31.06 -11.16
CA GLN A 923 -20.49 31.67 -11.09
C GLN A 923 -19.97 31.93 -12.50
N ASP A 924 -20.10 30.94 -13.40
CA ASP A 924 -19.65 31.09 -14.77
C ASP A 924 -20.43 32.19 -15.49
N ALA A 925 -21.75 32.27 -15.24
CA ALA A 925 -22.53 33.33 -15.83
C ALA A 925 -21.93 34.69 -15.48
N LEU A 926 -21.49 34.85 -14.22
CA LEU A 926 -21.02 36.14 -13.74
C LEU A 926 -19.64 36.46 -14.31
N LEU A 927 -18.73 35.50 -14.35
CA LEU A 927 -17.43 35.71 -14.97
C LEU A 927 -17.60 36.11 -16.43
N PHE A 928 -18.45 35.37 -17.15
CA PHE A 928 -18.68 35.66 -18.55
C PHE A 928 -19.13 37.11 -18.68
N LEU A 929 -20.14 37.51 -17.88
CA LEU A 929 -20.69 38.85 -17.98
C LEU A 929 -19.61 39.91 -17.73
N LEU A 930 -18.79 39.73 -16.68
CA LEU A 930 -17.79 40.73 -16.32
C LEU A 930 -16.69 40.78 -17.37
N ALA A 931 -16.14 39.62 -17.76
CA ALA A 931 -15.13 39.58 -18.81
C ALA A 931 -15.62 40.30 -20.06
N LYS A 932 -16.84 39.98 -20.51
CA LYS A 932 -17.41 40.55 -21.73
C LYS A 932 -17.49 42.08 -21.61
N LYS A 933 -17.80 42.58 -20.41
CA LYS A 933 -17.92 44.02 -20.17
C LYS A 933 -16.54 44.69 -20.31
N THR A 934 -15.50 44.08 -19.72
CA THR A 934 -14.15 44.61 -19.82
C THR A 934 -13.76 44.74 -21.30
N LEU A 935 -13.88 43.64 -22.06
CA LEU A 935 -13.33 43.56 -23.41
C LEU A 935 -14.16 44.41 -24.37
N THR A 936 -15.47 44.53 -24.13
CA THR A 936 -16.33 45.39 -24.93
C THR A 936 -15.78 46.82 -24.93
N GLU A 937 -15.40 47.34 -23.76
CA GLU A 937 -14.93 48.71 -23.61
C GLU A 937 -13.43 48.84 -23.88
N LEU A 938 -12.78 47.80 -24.43
CA LEU A 938 -11.39 47.84 -24.85
C LEU A 938 -11.32 47.65 -26.36
N ALA A 939 -10.69 48.61 -27.06
CA ALA A 939 -10.36 48.55 -28.48
C ALA A 939 -11.62 48.51 -29.34
N ASP A 940 -11.42 48.48 -30.68
CA ASP A 940 -12.51 48.24 -31.63
C ASP A 940 -13.03 46.82 -31.43
N PHE A 941 -14.08 46.69 -30.59
CA PHE A 941 -14.65 45.41 -30.23
C PHE A 941 -16.18 45.56 -30.11
N ASP A 942 -16.90 44.83 -30.97
CA ASP A 942 -18.36 44.74 -30.91
C ASP A 942 -18.73 43.34 -30.41
N GLY A 943 -18.87 43.21 -29.09
CA GLY A 943 -19.00 41.92 -28.42
C GLY A 943 -20.41 41.66 -27.87
N GLU A 944 -21.40 42.48 -28.28
CA GLU A 944 -22.76 42.37 -27.76
C GLU A 944 -23.41 41.05 -28.19
N ARG A 945 -22.95 40.47 -29.31
CA ARG A 945 -23.53 39.25 -29.87
C ARG A 945 -23.14 37.99 -29.08
N PHE A 946 -22.06 38.02 -28.28
CA PHE A 946 -21.49 36.80 -27.73
C PHE A 946 -22.25 36.35 -26.49
N LYS A 947 -22.28 35.02 -26.30
CA LYS A 947 -23.17 34.35 -25.36
C LYS A 947 -22.44 33.16 -24.69
N LEU A 948 -22.69 32.99 -23.39
CA LEU A 948 -22.10 31.91 -22.61
C LEU A 948 -22.45 30.54 -23.19
N LYS A 949 -23.66 30.38 -23.74
CA LYS A 949 -24.07 29.12 -24.34
C LYS A 949 -23.10 28.67 -25.45
N GLU A 950 -22.42 29.61 -26.14
CA GLU A 950 -21.46 29.27 -27.19
C GLU A 950 -20.12 28.78 -26.64
N ILE A 951 -19.84 28.97 -25.35
CA ILE A 951 -18.50 28.67 -24.82
C ILE A 951 -18.34 27.16 -24.65
N MET A 952 -17.19 26.65 -25.13
CA MET A 952 -16.85 25.23 -25.14
C MET A 952 -15.32 25.09 -25.04
N PRO A 953 -14.75 23.98 -24.50
CA PRO A 953 -13.30 23.86 -24.33
C PRO A 953 -12.49 24.05 -25.62
N GLN A 1140 36.65 -22.77 -18.67
CA GLN A 1140 35.86 -23.60 -19.63
C GLN A 1140 36.73 -24.75 -20.14
N LEU A 1141 36.33 -25.99 -19.83
CA LEU A 1141 37.09 -27.17 -20.21
C LEU A 1141 36.59 -27.79 -21.51
N HIS A 1142 35.28 -27.77 -21.75
CA HIS A 1142 34.70 -28.31 -22.98
C HIS A 1142 33.85 -27.23 -23.64
N LEU A 1143 33.59 -27.42 -24.94
CA LEU A 1143 32.63 -26.60 -25.65
C LEU A 1143 31.24 -27.12 -25.30
N PRO A 1144 30.31 -26.30 -24.74
CA PRO A 1144 29.01 -26.80 -24.31
C PRO A 1144 28.30 -27.72 -25.33
N GLN A 1145 28.09 -27.23 -26.56
CA GLN A 1145 27.26 -27.96 -27.50
C GLN A 1145 27.96 -29.24 -27.99
N VAL A 1146 29.29 -29.23 -28.06
CA VAL A 1146 30.05 -30.40 -28.47
C VAL A 1146 29.83 -31.52 -27.44
N LEU A 1147 29.99 -31.18 -26.14
CA LEU A 1147 29.80 -32.15 -25.07
C LEU A 1147 28.33 -32.63 -25.04
N ALA A 1148 27.38 -31.70 -25.13
CA ALA A 1148 25.97 -32.04 -25.10
C ALA A 1148 25.63 -33.06 -26.21
N ASP A 1149 25.98 -32.74 -27.47
CA ASP A 1149 25.67 -33.63 -28.58
C ASP A 1149 26.45 -34.94 -28.46
N ALA A 1150 27.68 -34.89 -27.94
CA ALA A 1150 28.45 -36.11 -27.75
C ALA A 1150 27.69 -37.05 -26.82
N VAL A 1151 27.39 -36.60 -25.60
CA VAL A 1151 26.74 -37.47 -24.62
C VAL A 1151 25.40 -37.94 -25.19
N SER A 1152 24.69 -37.08 -25.93
CA SER A 1152 23.39 -37.45 -26.49
C SER A 1152 23.55 -38.60 -27.48
N ARG A 1153 24.46 -38.45 -28.45
CA ARG A 1153 24.69 -39.47 -29.47
C ARG A 1153 25.20 -40.75 -28.82
N LEU A 1154 26.09 -40.65 -27.81
CA LEU A 1154 26.68 -41.84 -27.22
C LEU A 1154 25.64 -42.64 -26.43
N VAL A 1155 24.79 -41.98 -25.62
CA VAL A 1155 23.75 -42.68 -24.88
C VAL A 1155 22.76 -43.31 -25.86
N LEU A 1156 22.23 -42.51 -26.79
CA LEU A 1156 21.30 -43.03 -27.79
C LEU A 1156 21.93 -44.21 -28.54
N GLY A 1157 23.23 -44.13 -28.83
CA GLY A 1157 23.92 -45.15 -29.61
C GLY A 1157 24.07 -46.45 -28.83
N LYS A 1158 24.54 -46.36 -27.58
CA LYS A 1158 24.69 -47.55 -26.75
C LYS A 1158 23.32 -48.23 -26.58
N PHE A 1159 22.25 -47.43 -26.47
CA PHE A 1159 20.90 -48.00 -26.39
C PHE A 1159 20.56 -48.74 -27.68
N GLY A 1160 20.88 -48.13 -28.84
CA GLY A 1160 20.67 -48.78 -30.13
C GLY A 1160 21.46 -50.08 -30.27
N ASP A 1161 22.66 -50.14 -29.68
CA ASP A 1161 23.43 -51.38 -29.67
C ASP A 1161 22.73 -52.45 -28.83
N LEU A 1162 22.32 -52.10 -27.62
CA LEU A 1162 21.75 -53.09 -26.71
C LEU A 1162 20.40 -53.60 -27.20
N THR A 1163 19.73 -52.85 -28.11
CA THR A 1163 18.41 -53.22 -28.57
C THR A 1163 18.39 -53.72 -30.02
N ASP A 1164 19.58 -54.05 -30.58
CA ASP A 1164 19.71 -54.57 -31.94
C ASP A 1164 19.08 -53.57 -32.93
N ASN A 1165 19.68 -52.38 -33.00
CA ASN A 1165 19.18 -51.27 -33.80
C ASN A 1165 17.71 -51.01 -33.47
N PHE A 1166 17.42 -50.74 -32.18
CA PHE A 1166 16.09 -50.36 -31.70
C PHE A 1166 15.01 -51.35 -32.16
N SER A 1167 15.36 -52.63 -32.34
CA SER A 1167 14.44 -53.63 -32.86
C SER A 1167 13.95 -54.59 -31.77
N SER A 1168 14.77 -54.82 -30.72
CA SER A 1168 14.53 -55.76 -29.63
C SER A 1168 13.12 -55.66 -29.03
N PRO A 1169 12.59 -56.72 -28.35
CA PRO A 1169 11.28 -56.62 -27.71
C PRO A 1169 11.10 -55.41 -26.81
N HIS A 1170 12.13 -55.04 -26.03
CA HIS A 1170 11.99 -53.98 -25.05
C HIS A 1170 12.65 -52.68 -25.51
N ALA A 1171 12.78 -52.47 -26.83
CA ALA A 1171 13.38 -51.25 -27.34
C ALA A 1171 12.39 -50.07 -27.33
N ARG A 1172 11.09 -50.35 -27.16
CA ARG A 1172 10.10 -49.29 -27.00
C ARG A 1172 10.43 -48.49 -25.75
N ARG A 1173 10.35 -47.16 -25.85
CA ARG A 1173 10.63 -46.29 -24.73
C ARG A 1173 9.87 -44.98 -24.90
N LYS A 1174 9.62 -44.30 -23.78
CA LYS A 1174 9.04 -42.97 -23.78
C LYS A 1174 10.11 -41.95 -23.35
N VAL A 1175 10.79 -42.23 -22.22
CA VAL A 1175 11.91 -41.44 -21.75
C VAL A 1175 13.13 -42.35 -21.69
N LEU A 1176 14.28 -41.83 -22.14
CA LEU A 1176 15.56 -42.53 -22.06
C LEU A 1176 16.54 -41.64 -21.30
N ALA A 1177 17.45 -42.27 -20.55
CA ALA A 1177 18.49 -41.55 -19.84
C ALA A 1177 19.78 -42.37 -19.87
N GLY A 1178 20.87 -41.74 -19.46
CA GLY A 1178 22.14 -42.41 -19.33
C GLY A 1178 23.20 -41.52 -18.69
N VAL A 1179 24.33 -42.14 -18.32
CA VAL A 1179 25.43 -41.43 -17.69
C VAL A 1179 26.69 -41.72 -18.51
N VAL A 1180 27.43 -40.65 -18.82
CA VAL A 1180 28.64 -40.71 -19.61
C VAL A 1180 29.79 -40.21 -18.76
N MET A 1181 30.93 -40.89 -18.83
CA MET A 1181 32.12 -40.48 -18.12
C MET A 1181 33.08 -39.84 -19.12
N THR A 1182 33.74 -38.74 -18.71
CA THR A 1182 34.88 -38.20 -19.45
C THR A 1182 36.12 -38.26 -18.55
N THR A 1183 37.26 -38.63 -19.17
CA THR A 1183 38.56 -38.60 -18.52
C THR A 1183 39.46 -37.52 -19.10
N GLY A 1184 39.05 -36.92 -20.24
CA GLY A 1184 39.81 -35.83 -20.84
C GLY A 1184 38.96 -35.13 -21.90
N THR A 1185 39.55 -34.12 -22.54
CA THR A 1185 38.84 -33.35 -23.54
C THR A 1185 38.65 -34.13 -24.84
N ASP A 1186 39.43 -35.22 -25.02
CA ASP A 1186 39.32 -36.07 -26.19
C ASP A 1186 38.00 -36.84 -26.15
N VAL A 1187 37.13 -36.59 -27.13
CA VAL A 1187 35.84 -37.28 -27.22
C VAL A 1187 36.04 -38.76 -27.55
N LYS A 1188 37.23 -39.13 -28.03
CA LYS A 1188 37.61 -40.54 -28.10
C LYS A 1188 37.93 -41.10 -26.71
N ASP A 1189 37.75 -40.29 -25.65
CA ASP A 1189 37.92 -40.75 -24.27
C ASP A 1189 36.59 -40.71 -23.50
N ALA A 1190 35.47 -40.57 -24.21
CA ALA A 1190 34.15 -40.58 -23.60
C ALA A 1190 33.62 -42.02 -23.56
N LYS A 1191 33.10 -42.43 -22.40
CA LYS A 1191 32.63 -43.79 -22.18
C LYS A 1191 31.21 -43.74 -21.63
N VAL A 1192 30.31 -44.55 -22.19
CA VAL A 1192 28.96 -44.66 -21.68
C VAL A 1192 29.00 -45.55 -20.45
N ILE A 1193 28.66 -44.99 -19.29
CA ILE A 1193 28.64 -45.78 -18.05
C ILE A 1193 27.30 -46.48 -17.90
N SER A 1194 26.19 -45.81 -18.19
CA SER A 1194 24.93 -46.50 -18.01
C SER A 1194 23.85 -45.92 -18.91
N VAL A 1195 22.82 -46.75 -19.13
CA VAL A 1195 21.69 -46.44 -19.99
C VAL A 1195 20.44 -47.02 -19.35
N SER A 1196 19.33 -46.29 -19.46
CA SER A 1196 18.09 -46.69 -18.82
C SER A 1196 16.89 -46.08 -19.53
N THR A 1197 15.72 -46.72 -19.34
CA THR A 1197 14.44 -46.17 -19.78
C THR A 1197 13.40 -46.47 -18.72
N GLY A 1198 12.39 -45.59 -18.61
CA GLY A 1198 11.25 -45.81 -17.73
C GLY A 1198 10.60 -44.50 -17.28
N THR A 1199 9.29 -44.58 -16.95
CA THR A 1199 8.47 -43.41 -16.64
C THR A 1199 7.47 -43.64 -15.50
N LYS A 1200 7.56 -44.76 -14.74
CA LYS A 1200 6.55 -45.10 -13.74
C LYS A 1200 7.20 -45.42 -12.40
N CYS A 1201 6.39 -45.40 -11.33
CA CYS A 1201 6.82 -45.73 -9.98
C CYS A 1201 6.06 -46.95 -9.45
N ILE A 1202 6.57 -47.53 -8.35
CA ILE A 1202 5.96 -48.73 -7.81
C ILE A 1202 4.50 -48.48 -7.43
N ASN A 1203 3.68 -49.53 -7.57
CA ASN A 1203 2.35 -49.56 -6.99
C ASN A 1203 2.49 -49.76 -5.47
N GLY A 1204 1.57 -49.16 -4.72
CA GLY A 1204 1.64 -49.18 -3.25
C GLY A 1204 1.62 -50.58 -2.65
N GLU A 1205 0.90 -51.51 -3.30
CA GLU A 1205 0.75 -52.86 -2.78
C GLU A 1205 2.05 -53.65 -2.84
N TYR A 1206 3.05 -53.17 -3.60
CA TYR A 1206 4.22 -53.99 -3.94
C TYR A 1206 5.49 -53.52 -3.24
N MET A 1207 5.38 -52.56 -2.33
CA MET A 1207 6.51 -52.17 -1.49
C MET A 1207 7.07 -53.42 -0.81
N SER A 1208 8.41 -53.52 -0.77
CA SER A 1208 9.13 -54.63 -0.18
C SER A 1208 9.79 -54.18 1.13
N ASP A 1209 9.42 -54.83 2.24
CA ASP A 1209 10.07 -54.60 3.52
C ASP A 1209 11.42 -55.31 3.59
N ARG A 1210 11.80 -56.08 2.56
CA ARG A 1210 13.13 -56.68 2.48
C ARG A 1210 14.05 -55.92 1.53
N GLY A 1211 13.59 -54.79 0.97
CA GLY A 1211 14.35 -53.96 0.03
C GLY A 1211 14.58 -54.61 -1.34
N LEU A 1212 13.63 -55.43 -1.81
CA LEU A 1212 13.80 -56.22 -3.03
C LEU A 1212 13.10 -55.60 -4.25
N ALA A 1213 12.44 -54.44 -4.10
CA ALA A 1213 11.72 -53.81 -5.20
C ALA A 1213 12.34 -52.45 -5.52
N LEU A 1214 12.21 -52.02 -6.78
CA LEU A 1214 12.58 -50.68 -7.20
C LEU A 1214 11.36 -49.76 -7.08
N ASN A 1215 11.51 -48.68 -6.30
CA ASN A 1215 10.41 -47.79 -5.96
C ASN A 1215 10.12 -46.79 -7.09
N ASP A 1216 11.17 -46.28 -7.75
CA ASP A 1216 11.03 -45.23 -8.75
C ASP A 1216 11.78 -45.66 -10.01
N CYS A 1217 11.06 -45.80 -11.12
CA CYS A 1217 11.66 -46.29 -12.36
C CYS A 1217 11.72 -45.20 -13.43
N HIS A 1218 11.59 -43.92 -13.06
CA HIS A 1218 11.87 -42.88 -14.03
C HIS A 1218 13.32 -43.01 -14.45
N ALA A 1219 13.57 -42.93 -15.77
CA ALA A 1219 14.86 -43.26 -16.36
C ALA A 1219 16.02 -42.69 -15.54
N GLU A 1220 16.06 -41.37 -15.35
CA GLU A 1220 17.24 -40.70 -14.80
C GLU A 1220 17.60 -41.26 -13.42
N ILE A 1221 16.57 -41.60 -12.64
CA ILE A 1221 16.74 -42.24 -11.34
C ILE A 1221 17.42 -43.60 -11.55
N ILE A 1222 16.91 -44.39 -12.51
CA ILE A 1222 17.50 -45.70 -12.77
C ILE A 1222 18.96 -45.55 -13.19
N SER A 1223 19.26 -44.58 -14.07
CA SER A 1223 20.62 -44.36 -14.56
C SER A 1223 21.59 -43.99 -13.42
N ARG A 1224 21.13 -43.22 -12.42
CA ARG A 1224 21.96 -43.01 -11.25
C ARG A 1224 22.23 -44.32 -10.52
N ARG A 1225 21.21 -45.17 -10.34
CA ARG A 1225 21.40 -46.43 -9.62
C ARG A 1225 22.44 -47.30 -10.35
N SER A 1226 22.37 -47.32 -11.69
CA SER A 1226 23.36 -48.02 -12.50
C SER A 1226 24.76 -47.44 -12.28
N LEU A 1227 24.86 -46.11 -12.18
CA LEU A 1227 26.14 -45.49 -11.89
C LEU A 1227 26.66 -45.96 -10.53
N LEU A 1228 25.76 -46.16 -9.54
CA LEU A 1228 26.19 -46.68 -8.24
C LEU A 1228 26.85 -48.05 -8.42
N ARG A 1229 26.23 -48.92 -9.23
CA ARG A 1229 26.82 -50.22 -9.50
C ARG A 1229 28.25 -50.04 -10.04
N PHE A 1230 28.42 -49.17 -11.03
CA PHE A 1230 29.72 -48.91 -11.63
C PHE A 1230 30.73 -48.48 -10.56
N LEU A 1231 30.33 -47.57 -9.65
CA LEU A 1231 31.22 -47.11 -8.60
C LEU A 1231 31.65 -48.26 -7.70
N TYR A 1232 30.70 -49.13 -7.31
CA TYR A 1232 31.04 -50.30 -6.51
C TYR A 1232 32.09 -51.13 -7.23
N THR A 1233 31.87 -51.39 -8.53
CA THR A 1233 32.79 -52.14 -9.37
C THR A 1233 34.19 -51.51 -9.34
N GLN A 1234 34.28 -50.18 -9.33
CA GLN A 1234 35.58 -49.52 -9.39
C GLN A 1234 36.31 -49.61 -8.05
N LEU A 1235 35.59 -49.44 -6.94
CA LEU A 1235 36.19 -49.66 -5.64
C LEU A 1235 36.73 -51.08 -5.52
N GLU A 1236 36.00 -52.07 -6.08
CA GLU A 1236 36.44 -53.46 -6.02
C GLU A 1236 37.68 -53.66 -6.90
N LEU A 1237 37.66 -53.10 -8.11
CA LEU A 1237 38.83 -53.13 -8.97
C LEU A 1237 40.07 -52.59 -8.23
N TYR A 1238 39.94 -51.45 -7.54
CA TYR A 1238 41.08 -50.89 -6.82
C TYR A 1238 41.55 -51.83 -5.70
N LEU A 1239 40.60 -52.41 -4.95
CA LEU A 1239 40.98 -53.25 -3.81
C LEU A 1239 41.48 -54.63 -4.24
N ASN A 1240 41.26 -55.02 -5.50
CA ASN A 1240 41.59 -56.36 -5.98
C ASN A 1240 43.11 -56.60 -5.92
N ASN A 1241 43.88 -55.83 -6.69
CA ASN A 1241 45.34 -55.98 -6.69
C ASN A 1241 45.97 -54.68 -7.17
N LYS A 1242 47.30 -54.55 -6.95
CA LYS A 1242 48.03 -53.32 -7.22
C LYS A 1242 47.96 -52.92 -8.69
N ASP A 1243 48.13 -53.87 -9.61
CA ASP A 1243 48.08 -53.59 -11.04
C ASP A 1243 46.71 -52.98 -11.40
N ASP A 1244 45.65 -53.52 -10.80
CA ASP A 1244 44.30 -53.03 -11.07
C ASP A 1244 44.11 -51.61 -10.53
N GLN A 1245 44.70 -51.31 -9.37
CA GLN A 1245 44.60 -49.99 -8.78
C GLN A 1245 44.87 -48.90 -9.83
N LYS A 1246 45.82 -49.15 -10.74
CA LYS A 1246 46.12 -48.17 -11.78
C LYS A 1246 44.90 -47.94 -12.67
N ARG A 1247 44.13 -49.00 -12.92
CA ARG A 1247 43.01 -48.94 -13.85
C ARG A 1247 41.74 -48.39 -13.20
N SER A 1248 41.71 -48.32 -11.86
CA SER A 1248 40.53 -47.86 -11.12
C SER A 1248 40.49 -46.33 -11.09
N ILE A 1249 39.28 -45.79 -11.19
CA ILE A 1249 39.10 -44.33 -11.23
C ILE A 1249 39.35 -43.72 -9.84
N PHE A 1250 39.34 -44.55 -8.78
CA PHE A 1250 39.54 -44.05 -7.43
C PHE A 1250 41.02 -44.07 -7.07
N GLN A 1251 41.40 -43.16 -6.16
CA GLN A 1251 42.70 -43.16 -5.52
C GLN A 1251 42.49 -42.83 -4.04
N LYS A 1252 43.48 -43.17 -3.21
CA LYS A 1252 43.38 -42.82 -1.80
C LYS A 1252 43.42 -41.30 -1.64
N SER A 1253 42.69 -40.81 -0.63
CA SER A 1253 42.67 -39.39 -0.27
C SER A 1253 43.48 -39.16 1.00
N GLU A 1254 44.28 -38.08 0.99
CA GLU A 1254 44.98 -37.64 2.19
C GLU A 1254 43.98 -37.34 3.32
N ARG A 1255 42.72 -37.07 2.99
CA ARG A 1255 41.68 -36.82 3.99
C ARG A 1255 41.14 -38.13 4.57
N GLY A 1256 41.59 -39.27 4.05
CA GLY A 1256 41.07 -40.59 4.40
C GLY A 1256 40.03 -41.05 3.38
N GLY A 1257 39.94 -42.37 3.19
CA GLY A 1257 39.03 -42.94 2.22
C GLY A 1257 39.51 -42.67 0.80
N PHE A 1258 38.56 -42.66 -0.15
CA PHE A 1258 38.85 -42.62 -1.58
C PHE A 1258 38.30 -41.36 -2.23
N ARG A 1259 38.86 -41.04 -3.41
CA ARG A 1259 38.52 -39.85 -4.18
C ARG A 1259 38.73 -40.16 -5.66
N LEU A 1260 37.95 -39.49 -6.52
CA LEU A 1260 38.11 -39.65 -7.96
C LEU A 1260 39.48 -39.15 -8.38
N LYS A 1261 39.94 -39.64 -9.54
CA LYS A 1261 41.13 -39.09 -10.15
C LYS A 1261 40.83 -37.71 -10.73
N GLU A 1262 41.85 -36.86 -10.79
CA GLU A 1262 41.69 -35.43 -11.04
C GLU A 1262 40.89 -35.16 -12.31
N ASN A 1263 41.08 -35.99 -13.34
CA ASN A 1263 40.53 -35.73 -14.66
C ASN A 1263 39.12 -36.29 -14.86
N VAL A 1264 38.59 -37.03 -13.87
CA VAL A 1264 37.41 -37.87 -14.06
C VAL A 1264 36.14 -37.06 -13.82
N GLN A 1265 35.19 -37.17 -14.76
CA GLN A 1265 33.94 -36.43 -14.70
C GLN A 1265 32.78 -37.28 -15.21
N PHE A 1266 31.57 -37.02 -14.69
CA PHE A 1266 30.36 -37.70 -15.14
C PHE A 1266 29.33 -36.67 -15.58
N HIS A 1267 28.58 -37.03 -16.63
CA HIS A 1267 27.55 -36.17 -17.19
C HIS A 1267 26.28 -36.99 -17.30
N LEU A 1268 25.14 -36.36 -16.98
CA LEU A 1268 23.83 -37.00 -17.04
C LEU A 1268 23.13 -36.56 -18.33
N TYR A 1269 22.44 -37.51 -18.97
CA TYR A 1269 21.65 -37.23 -20.16
C TYR A 1269 20.24 -37.77 -19.96
N ILE A 1270 19.23 -36.92 -20.19
CA ILE A 1270 17.83 -37.32 -20.14
C ILE A 1270 17.17 -36.92 -21.47
N SER A 1271 16.27 -37.77 -21.98
CA SER A 1271 15.57 -37.48 -23.23
C SER A 1271 14.74 -36.19 -23.12
N THR A 1272 14.33 -35.85 -21.90
CA THR A 1272 13.31 -34.83 -21.70
C THR A 1272 13.57 -34.19 -20.34
N SER A 1273 12.88 -33.09 -20.06
CA SER A 1273 13.09 -32.39 -18.81
C SER A 1273 12.67 -33.27 -17.64
N PRO A 1274 13.43 -33.28 -16.51
CA PRO A 1274 13.02 -34.03 -15.34
C PRO A 1274 11.71 -33.50 -14.75
N CYS A 1275 10.79 -34.43 -14.44
CA CYS A 1275 9.46 -34.06 -13.97
C CYS A 1275 9.57 -33.23 -12.70
N GLY A 1276 8.60 -32.33 -12.50
CA GLY A 1276 8.63 -31.38 -11.40
C GLY A 1276 9.00 -29.98 -11.87
N ASP A 1277 9.81 -29.27 -11.08
CA ASP A 1277 10.01 -27.84 -11.24
C ASP A 1277 10.55 -27.47 -12.63
N ALA A 1278 11.37 -28.35 -13.22
CA ALA A 1278 11.96 -28.13 -14.54
C ALA A 1278 10.99 -28.42 -15.68
N ARG A 1279 9.84 -29.06 -15.42
CA ARG A 1279 9.00 -29.57 -16.50
C ARG A 1279 7.56 -29.10 -16.42
N ILE A 1280 6.99 -28.96 -15.21
CA ILE A 1280 5.56 -28.77 -15.04
C ILE A 1280 5.06 -27.51 -15.76
N PHE A 1281 5.82 -26.41 -15.70
CA PHE A 1281 5.35 -25.14 -16.25
C PHE A 1281 5.55 -25.08 -17.76
N SER A 1282 6.60 -25.77 -18.26
CA SER A 1282 6.99 -25.72 -19.66
C SER A 1282 7.01 -27.14 -20.22
N PRO A 1283 5.84 -27.75 -20.53
CA PRO A 1283 5.82 -29.11 -21.08
C PRO A 1283 5.96 -29.18 -22.60
N HIS A 1284 6.27 -28.04 -23.25
CA HIS A 1284 6.37 -27.98 -24.70
C HIS A 1284 7.74 -27.46 -25.09
N GLU A 1285 8.10 -27.66 -26.37
CA GLU A 1285 9.38 -27.18 -26.87
C GLU A 1285 9.34 -25.67 -26.94
N PRO A 1286 10.40 -24.94 -26.49
CA PRO A 1286 10.37 -23.48 -26.57
C PRO A 1286 10.43 -23.00 -28.02
N ILE A 1287 9.61 -21.99 -28.35
CA ILE A 1287 9.77 -21.26 -29.59
C ILE A 1287 11.00 -20.37 -29.38
N LEU A 1288 12.09 -20.66 -30.09
CA LEU A 1288 13.40 -20.12 -29.76
C LEU A 1288 13.37 -18.59 -29.71
N GLU A 1289 14.32 -18.01 -28.94
CA GLU A 1289 14.41 -16.60 -28.59
C GLU A 1289 13.25 -16.15 -27.69
N GLU A 1290 12.38 -17.06 -27.23
CA GLU A 1290 11.33 -16.69 -26.28
C GLU A 1290 11.98 -16.26 -24.96
N PRO A 1291 11.49 -15.19 -24.29
CA PRO A 1291 11.94 -14.88 -22.94
C PRO A 1291 11.45 -15.90 -21.92
N ALA A 1292 11.96 -15.80 -20.68
CA ALA A 1292 11.55 -16.65 -19.57
C ALA A 1292 10.04 -16.57 -19.35
N ASP A 1293 9.52 -17.44 -18.47
CA ASP A 1293 8.10 -17.44 -18.15
C ASP A 1293 7.70 -16.06 -17.65
N ARG A 1294 6.49 -15.62 -18.02
CA ARG A 1294 6.03 -14.27 -17.74
C ARG A 1294 5.73 -14.04 -16.27
N HIS A 1295 5.65 -15.12 -15.45
CA HIS A 1295 5.24 -15.02 -14.06
C HIS A 1295 6.27 -15.75 -13.20
N PRO A 1296 7.53 -15.25 -13.11
CA PRO A 1296 8.58 -15.97 -12.41
C PRO A 1296 8.50 -15.87 -10.89
N ASN A 1297 7.52 -15.14 -10.35
CA ASN A 1297 7.45 -14.89 -8.92
C ASN A 1297 6.27 -15.62 -8.27
N ARG A 1298 5.56 -16.48 -9.02
CA ARG A 1298 4.46 -17.24 -8.45
C ARG A 1298 5.02 -18.19 -7.40
N LYS A 1299 4.25 -18.40 -6.32
CA LYS A 1299 4.65 -19.30 -5.24
C LYS A 1299 4.87 -20.71 -5.77
N ALA A 1300 4.16 -21.10 -6.85
CA ALA A 1300 4.33 -22.41 -7.46
C ALA A 1300 5.78 -22.67 -7.87
N ARG A 1301 6.52 -21.60 -8.23
CA ARG A 1301 7.87 -21.78 -8.76
C ARG A 1301 8.81 -22.30 -7.68
N GLY A 1302 9.59 -23.32 -8.03
CA GLY A 1302 10.59 -23.89 -7.14
C GLY A 1302 10.03 -24.89 -6.14
N GLN A 1303 8.71 -24.89 -5.91
CA GLN A 1303 8.10 -25.74 -4.90
C GLN A 1303 8.48 -27.20 -5.15
N LEU A 1304 8.80 -27.94 -4.06
CA LEU A 1304 9.02 -29.37 -4.14
C LEU A 1304 7.72 -30.05 -4.58
N ARG A 1305 7.85 -31.12 -5.37
CA ARG A 1305 6.68 -31.81 -5.88
C ARG A 1305 6.88 -33.32 -5.85
N THR A 1306 5.75 -34.04 -5.76
CA THR A 1306 5.75 -35.50 -5.74
C THR A 1306 4.96 -36.02 -6.93
N LYS A 1307 5.50 -37.08 -7.55
CA LYS A 1307 4.67 -38.05 -8.26
C LYS A 1307 3.64 -38.59 -7.27
N ILE A 1308 2.38 -38.65 -7.72
CA ILE A 1308 1.28 -39.16 -6.90
C ILE A 1308 0.81 -40.49 -7.51
N GLU A 1309 0.64 -41.50 -6.65
CA GLU A 1309 0.25 -42.82 -7.11
C GLU A 1309 -1.14 -42.76 -7.75
N SER A 1310 -1.26 -43.35 -8.95
CA SER A 1310 -2.53 -43.44 -9.69
C SER A 1310 -3.08 -42.05 -10.03
N GLY A 1311 -2.20 -41.09 -10.31
CA GLY A 1311 -2.62 -39.78 -10.78
C GLY A 1311 -1.53 -39.12 -11.61
N GLN A 1312 -1.94 -38.21 -12.50
CA GLN A 1312 -0.98 -37.52 -13.34
C GLN A 1312 -0.58 -36.20 -12.68
N GLY A 1313 0.52 -35.61 -13.16
CA GLY A 1313 1.02 -34.34 -12.67
C GLY A 1313 1.92 -34.52 -11.45
N THR A 1314 2.71 -33.49 -11.16
CA THR A 1314 3.59 -33.49 -9.99
C THR A 1314 3.11 -32.41 -9.03
N ILE A 1315 2.93 -32.79 -7.76
CA ILE A 1315 2.06 -32.06 -6.85
C ILE A 1315 2.88 -31.43 -5.72
N PRO A 1316 2.58 -30.18 -5.30
CA PRO A 1316 3.30 -29.58 -4.20
C PRO A 1316 3.29 -30.47 -2.97
N VAL A 1317 4.37 -30.43 -2.18
CA VAL A 1317 4.41 -31.21 -0.96
C VAL A 1317 3.52 -30.58 0.10
N ARG A 1318 3.26 -29.27 0.00
CA ARG A 1318 2.51 -28.56 1.04
C ARG A 1318 1.08 -29.07 1.12
N SER A 1319 0.55 -29.57 -0.01
CA SER A 1319 -0.81 -30.10 -0.02
C SER A 1319 -0.88 -31.51 0.61
N ASN A 1320 0.25 -32.12 0.97
CA ASN A 1320 0.27 -33.42 1.66
C ASN A 1320 1.31 -33.39 2.78
N ALA A 1321 1.02 -32.62 3.83
CA ALA A 1321 2.01 -32.31 4.86
C ALA A 1321 2.36 -33.54 5.72
N SER A 1322 1.40 -34.47 5.93
CA SER A 1322 1.61 -35.59 6.83
C SER A 1322 2.79 -36.46 6.36
N ILE A 1323 3.28 -37.31 7.27
CA ILE A 1323 4.31 -38.27 6.92
C ILE A 1323 3.63 -39.52 6.37
N GLN A 1324 4.37 -40.27 5.55
CA GLN A 1324 3.83 -41.48 4.92
C GLN A 1324 3.98 -42.67 5.87
N THR A 1325 2.93 -43.48 5.96
CA THR A 1325 2.94 -44.67 6.83
C THR A 1325 2.76 -45.93 5.98
N TRP A 1326 3.34 -47.04 6.45
CA TRP A 1326 3.29 -48.29 5.70
C TRP A 1326 1.86 -48.84 5.65
N ASP A 1327 1.21 -48.94 6.81
CA ASP A 1327 -0.17 -49.35 6.90
C ASP A 1327 -1.08 -48.40 6.13
N GLY A 1328 -0.75 -47.09 6.17
CA GLY A 1328 -1.56 -46.09 5.49
C GLY A 1328 -1.59 -46.33 3.98
N VAL A 1329 -0.41 -46.38 3.37
CA VAL A 1329 -0.30 -46.67 1.96
C VAL A 1329 -1.05 -47.97 1.65
N LEU A 1330 -0.78 -49.02 2.43
CA LEU A 1330 -1.34 -50.35 2.16
C LEU A 1330 -2.87 -50.31 2.07
N GLN A 1331 -3.54 -49.54 2.94
CA GLN A 1331 -4.99 -49.51 2.90
C GLN A 1331 -5.50 -48.81 1.64
N GLY A 1332 -4.66 -47.96 1.01
CA GLY A 1332 -5.03 -47.27 -0.22
C GLY A 1332 -4.72 -45.77 -0.23
N GLU A 1333 -3.99 -45.28 0.78
CA GLU A 1333 -3.41 -43.95 0.71
C GLU A 1333 -2.38 -43.93 -0.42
N ARG A 1334 -2.40 -42.89 -1.25
CA ARG A 1334 -1.62 -42.88 -2.49
C ARG A 1334 -0.15 -42.59 -2.17
N LEU A 1335 0.74 -43.46 -2.69
CA LEU A 1335 2.16 -43.34 -2.41
C LEU A 1335 2.76 -42.15 -3.16
N LEU A 1336 3.49 -41.29 -2.43
CA LEU A 1336 4.14 -40.10 -2.98
C LEU A 1336 5.63 -40.34 -3.13
N THR A 1337 6.16 -39.94 -4.30
CA THR A 1337 7.57 -40.09 -4.63
C THR A 1337 8.09 -38.73 -5.04
N MET A 1338 9.27 -38.31 -4.56
CA MET A 1338 9.77 -36.98 -4.89
C MET A 1338 10.03 -36.89 -6.39
N SER A 1339 9.67 -35.75 -6.99
CA SER A 1339 9.82 -35.54 -8.43
C SER A 1339 11.30 -35.66 -8.83
N CYS A 1340 11.54 -35.85 -10.14
CA CYS A 1340 12.92 -36.04 -10.58
C CYS A 1340 13.70 -34.74 -10.41
N SER A 1341 13.07 -33.59 -10.64
CA SER A 1341 13.70 -32.29 -10.44
C SER A 1341 14.25 -32.17 -9.02
N ASP A 1342 13.42 -32.51 -8.03
CA ASP A 1342 13.80 -32.45 -6.63
C ASP A 1342 14.92 -33.44 -6.33
N LYS A 1343 14.87 -34.63 -6.94
CA LYS A 1343 15.87 -35.64 -6.65
C LYS A 1343 17.23 -35.22 -7.21
N ILE A 1344 17.25 -34.55 -8.38
CA ILE A 1344 18.51 -34.15 -9.00
C ILE A 1344 19.10 -32.94 -8.25
N ALA A 1345 18.26 -31.98 -7.87
CA ALA A 1345 18.73 -30.90 -7.00
C ALA A 1345 19.39 -31.48 -5.75
N ARG A 1346 18.75 -32.48 -5.15
CA ARG A 1346 19.32 -33.19 -4.02
C ARG A 1346 20.69 -33.74 -4.39
N TRP A 1347 20.83 -34.33 -5.59
CA TRP A 1347 22.13 -34.85 -6.01
C TRP A 1347 23.15 -33.72 -6.12
N ASN A 1348 22.71 -32.53 -6.57
CA ASN A 1348 23.57 -31.36 -6.69
C ASN A 1348 24.00 -30.80 -5.34
N VAL A 1349 23.46 -31.31 -4.22
CA VAL A 1349 23.95 -30.93 -2.90
C VAL A 1349 24.69 -32.09 -2.23
N VAL A 1350 24.00 -33.24 -2.03
CA VAL A 1350 24.56 -34.33 -1.24
C VAL A 1350 25.46 -35.24 -2.08
N GLY A 1351 25.50 -35.03 -3.40
CA GLY A 1351 26.28 -35.87 -4.29
C GLY A 1351 25.42 -36.96 -4.93
N ILE A 1352 25.97 -37.58 -5.96
CA ILE A 1352 25.27 -38.65 -6.67
C ILE A 1352 25.54 -40.00 -6.01
N GLN A 1353 26.55 -40.10 -5.14
CA GLN A 1353 26.96 -41.42 -4.65
C GLN A 1353 25.97 -42.01 -3.64
N GLY A 1354 25.21 -41.16 -2.92
CA GLY A 1354 24.33 -41.64 -1.86
C GLY A 1354 25.09 -41.90 -0.55
N SER A 1355 24.33 -42.19 0.51
CA SER A 1355 24.88 -42.30 1.85
C SER A 1355 25.93 -43.43 1.94
N LEU A 1356 25.59 -44.62 1.43
CA LEU A 1356 26.41 -45.81 1.70
C LEU A 1356 27.80 -45.65 1.10
N LEU A 1357 27.90 -45.26 -0.17
CA LEU A 1357 29.20 -45.04 -0.80
C LEU A 1357 29.99 -43.92 -0.12
N SER A 1358 29.29 -42.95 0.50
CA SER A 1358 29.98 -41.85 1.16
C SER A 1358 30.81 -42.31 2.36
N ILE A 1359 30.60 -43.52 2.87
CA ILE A 1359 31.49 -44.05 3.90
C ILE A 1359 32.84 -44.44 3.29
N PHE A 1360 32.91 -44.64 1.97
CA PHE A 1360 34.17 -44.95 1.29
C PHE A 1360 34.71 -43.76 0.52
N VAL A 1361 33.84 -43.04 -0.20
CA VAL A 1361 34.30 -42.11 -1.21
C VAL A 1361 33.89 -40.70 -0.82
N GLU A 1362 34.54 -39.74 -1.45
CA GLU A 1362 34.22 -38.34 -1.26
C GLU A 1362 33.07 -37.95 -2.18
N PRO A 1363 32.26 -36.92 -1.83
CA PRO A 1363 31.11 -36.55 -2.64
C PRO A 1363 31.44 -36.40 -4.13
N ILE A 1364 30.56 -36.96 -4.98
CA ILE A 1364 30.75 -36.94 -6.43
C ILE A 1364 29.54 -36.22 -7.04
N TYR A 1365 29.80 -35.30 -7.98
CA TYR A 1365 28.74 -34.51 -8.59
C TYR A 1365 28.77 -34.64 -10.11
N PHE A 1366 27.59 -34.49 -10.72
CA PHE A 1366 27.49 -34.43 -12.18
C PHE A 1366 28.05 -33.08 -12.65
N SER A 1367 28.93 -33.12 -13.64
CA SER A 1367 29.49 -31.93 -14.26
C SER A 1367 28.51 -31.25 -15.22
N SER A 1368 27.55 -32.03 -15.78
CA SER A 1368 26.65 -31.54 -16.82
C SER A 1368 25.32 -32.29 -16.73
N ILE A 1369 24.23 -31.58 -17.05
CA ILE A 1369 22.92 -32.18 -17.25
C ILE A 1369 22.43 -31.76 -18.62
N ILE A 1370 22.15 -32.76 -19.47
CA ILE A 1370 21.86 -32.53 -20.87
C ILE A 1370 20.48 -33.07 -21.18
N LEU A 1371 19.64 -32.18 -21.72
CA LEU A 1371 18.28 -32.55 -22.09
C LEU A 1371 18.21 -32.69 -23.61
N GLY A 1372 17.59 -33.80 -24.05
CA GLY A 1372 17.38 -34.04 -25.47
C GLY A 1372 16.08 -33.43 -26.01
N SER A 1373 15.34 -32.71 -25.16
CA SER A 1373 14.06 -32.12 -25.53
C SER A 1373 13.54 -31.32 -24.34
N LEU A 1374 12.63 -30.37 -24.59
CA LEU A 1374 11.90 -29.64 -23.55
C LEU A 1374 12.84 -28.88 -22.62
N TYR A 1375 13.89 -28.27 -23.18
CA TYR A 1375 14.90 -27.58 -22.39
C TYR A 1375 14.52 -26.11 -22.18
N HIS A 1376 14.31 -25.71 -20.92
CA HIS A 1376 14.10 -24.31 -20.57
C HIS A 1376 15.09 -23.94 -19.48
N GLY A 1377 16.18 -23.26 -19.87
CA GLY A 1377 17.25 -22.91 -18.94
C GLY A 1377 16.74 -22.15 -17.72
N ASP A 1378 15.81 -21.21 -17.93
CA ASP A 1378 15.20 -20.47 -16.83
C ASP A 1378 14.64 -21.44 -15.79
N HIS A 1379 13.87 -22.43 -16.24
CA HIS A 1379 13.23 -23.39 -15.36
C HIS A 1379 14.24 -24.42 -14.85
N LEU A 1380 15.09 -24.95 -15.75
CA LEU A 1380 16.04 -25.97 -15.36
C LEU A 1380 16.97 -25.46 -14.26
N SER A 1381 17.52 -24.26 -14.42
CA SER A 1381 18.46 -23.72 -13.43
C SER A 1381 17.76 -23.51 -12.08
N ARG A 1382 16.59 -22.86 -12.09
CA ARG A 1382 15.82 -22.71 -10.86
C ARG A 1382 15.70 -24.07 -10.18
N ALA A 1383 15.23 -25.08 -10.93
CA ALA A 1383 14.99 -26.41 -10.40
C ALA A 1383 16.28 -27.05 -9.86
N MET A 1384 17.41 -26.91 -10.58
CA MET A 1384 18.60 -27.72 -10.33
C MET A 1384 19.44 -27.18 -9.17
N TYR A 1385 19.35 -25.88 -8.86
CA TYR A 1385 20.14 -25.31 -7.79
C TYR A 1385 19.66 -23.92 -7.39
N GLN A 1386 19.20 -23.09 -8.35
CA GLN A 1386 19.04 -21.68 -8.06
C GLN A 1386 18.09 -21.48 -6.87
N ARG A 1387 17.00 -22.26 -6.82
CA ARG A 1387 16.00 -22.10 -5.77
C ARG A 1387 16.58 -22.26 -4.37
N ILE A 1388 17.70 -22.99 -4.21
CA ILE A 1388 18.22 -23.24 -2.86
C ILE A 1388 19.60 -22.59 -2.70
N SER A 1389 19.83 -21.45 -3.37
CA SER A 1389 21.09 -20.73 -3.22
C SER A 1389 21.31 -20.26 -1.78
N ASN A 1390 20.26 -20.28 -0.94
CA ASN A 1390 20.37 -19.92 0.47
C ASN A 1390 20.81 -21.08 1.36
N ILE A 1391 21.36 -22.14 0.77
CA ILE A 1391 21.87 -23.27 1.55
C ILE A 1391 23.14 -22.85 2.30
N GLU A 1392 23.24 -23.20 3.59
CA GLU A 1392 24.37 -22.80 4.40
C GLU A 1392 24.79 -23.95 5.31
N ASP A 1393 25.99 -23.81 5.90
CA ASP A 1393 26.58 -24.73 6.87
C ASP A 1393 26.75 -26.14 6.28
N LEU A 1394 26.99 -26.23 4.96
CA LEU A 1394 27.25 -27.52 4.36
C LEU A 1394 28.49 -28.12 5.00
N PRO A 1395 28.51 -29.44 5.32
CA PRO A 1395 29.70 -30.05 5.89
C PRO A 1395 30.85 -30.15 4.89
N PRO A 1396 32.11 -30.35 5.34
CA PRO A 1396 33.25 -30.24 4.44
C PRO A 1396 33.21 -31.20 3.26
N LEU A 1397 33.63 -30.68 2.09
CA LEU A 1397 33.67 -31.34 0.77
C LEU A 1397 32.30 -31.28 0.08
N TYR A 1398 31.24 -30.82 0.77
CA TYR A 1398 29.92 -30.65 0.18
C TYR A 1398 29.73 -29.20 -0.26
N THR A 1399 28.88 -29.02 -1.27
CA THR A 1399 28.70 -27.71 -1.91
C THR A 1399 27.43 -27.76 -2.74
N LEU A 1400 26.92 -26.58 -3.11
CA LEU A 1400 25.82 -26.49 -4.05
C LEU A 1400 26.39 -26.55 -5.46
N ASN A 1401 26.41 -27.76 -6.04
CA ASN A 1401 26.97 -27.98 -7.37
C ASN A 1401 26.13 -27.27 -8.44
N LYS A 1402 26.80 -26.52 -9.31
CA LYS A 1402 26.12 -25.87 -10.43
C LYS A 1402 26.66 -26.49 -11.71
N PRO A 1403 26.02 -27.56 -12.24
CA PRO A 1403 26.53 -28.20 -13.44
C PRO A 1403 26.20 -27.42 -14.70
N LEU A 1404 27.01 -27.63 -15.75
CA LEU A 1404 26.67 -27.17 -17.08
C LEU A 1404 25.30 -27.72 -17.47
N LEU A 1405 24.38 -26.81 -17.85
CA LEU A 1405 23.05 -27.18 -18.32
C LEU A 1405 22.95 -26.91 -19.81
N SER A 1406 22.39 -27.85 -20.59
CA SER A 1406 22.31 -27.63 -22.02
C SER A 1406 21.25 -28.54 -22.68
N GLY A 1407 20.58 -27.99 -23.69
CA GLY A 1407 19.86 -28.80 -24.67
C GLY A 1407 20.82 -29.32 -25.73
N ILE A 1408 20.31 -30.12 -26.67
CA ILE A 1408 21.12 -30.68 -27.74
C ILE A 1408 20.83 -29.93 -29.04
N SER A 1409 21.65 -30.19 -30.08
CA SER A 1409 21.50 -29.49 -31.35
C SER A 1409 20.18 -29.83 -32.03
N ASN A 1410 19.79 -31.11 -31.99
CA ASN A 1410 18.59 -31.58 -32.67
C ASN A 1410 17.75 -32.38 -31.68
N ALA A 1411 16.74 -31.72 -31.09
CA ALA A 1411 15.91 -32.33 -30.07
C ALA A 1411 15.25 -33.60 -30.60
N GLU A 1412 14.94 -34.53 -29.70
CA GLU A 1412 14.32 -35.79 -30.09
C GLU A 1412 12.84 -35.56 -30.38
N ALA A 1413 12.27 -36.43 -31.22
CA ALA A 1413 10.85 -36.43 -31.49
C ALA A 1413 10.12 -37.21 -30.39
N ARG A 1414 8.87 -36.78 -30.09
CA ARG A 1414 7.98 -37.55 -29.25
C ARG A 1414 8.00 -39.00 -29.70
N GLN A 1415 8.32 -39.91 -28.77
CA GLN A 1415 8.21 -41.33 -29.05
C GLN A 1415 6.72 -41.67 -29.16
N PRO A 1416 6.26 -42.37 -30.22
CA PRO A 1416 4.85 -42.69 -30.37
C PRO A 1416 4.41 -43.84 -29.48
N GLY A 1417 3.08 -43.96 -29.30
CA GLY A 1417 2.49 -45.10 -28.63
C GLY A 1417 2.32 -44.86 -27.12
N LYS A 1418 1.79 -45.88 -26.45
CA LYS A 1418 1.55 -45.82 -25.01
C LYS A 1418 2.87 -46.10 -24.29
N ALA A 1419 2.99 -45.59 -23.06
CA ALA A 1419 4.21 -45.71 -22.27
C ALA A 1419 4.35 -47.15 -21.75
N PRO A 1420 5.41 -47.90 -22.13
CA PRO A 1420 5.60 -49.25 -21.60
C PRO A 1420 5.61 -49.29 -20.08
N ASN A 1421 5.01 -50.35 -19.52
CA ASN A 1421 5.02 -50.55 -18.08
C ASN A 1421 6.35 -51.12 -17.60
N PHE A 1422 7.34 -51.27 -18.48
CA PHE A 1422 8.63 -51.80 -18.05
C PHE A 1422 9.69 -50.71 -18.09
N SER A 1423 10.85 -51.04 -17.51
CA SER A 1423 11.97 -50.13 -17.31
C SER A 1423 13.27 -50.91 -17.52
N VAL A 1424 14.17 -50.36 -18.34
CA VAL A 1424 15.34 -51.09 -18.79
C VAL A 1424 16.59 -50.45 -18.20
N ASN A 1425 17.51 -51.27 -17.68
CA ASN A 1425 18.77 -50.76 -17.16
C ASN A 1425 19.95 -51.54 -17.74
N TRP A 1426 21.11 -50.88 -17.72
CA TRP A 1426 22.38 -51.48 -18.09
C TRP A 1426 23.53 -50.61 -17.56
N THR A 1427 24.53 -51.27 -16.96
CA THR A 1427 25.80 -50.68 -16.54
C THR A 1427 26.93 -51.19 -17.42
N VAL A 1428 27.94 -50.35 -17.65
CA VAL A 1428 29.10 -50.75 -18.42
C VAL A 1428 29.70 -52.02 -17.82
N GLY A 1429 30.03 -52.98 -18.69
CA GLY A 1429 30.52 -54.28 -18.26
C GLY A 1429 29.45 -55.38 -18.31
N ASP A 1430 28.16 -55.01 -18.36
CA ASP A 1430 27.08 -55.99 -18.31
C ASP A 1430 26.90 -56.64 -19.68
N SER A 1431 26.63 -57.96 -19.68
CA SER A 1431 26.39 -58.72 -20.90
C SER A 1431 24.99 -58.43 -21.44
N ALA A 1432 24.00 -58.24 -20.55
CA ALA A 1432 22.63 -58.03 -20.94
C ALA A 1432 22.06 -56.77 -20.28
N ILE A 1433 20.91 -56.35 -20.78
CA ILE A 1433 20.07 -55.38 -20.09
C ILE A 1433 19.25 -56.15 -19.05
N GLU A 1434 18.68 -55.43 -18.09
CA GLU A 1434 17.69 -55.99 -17.18
C GLU A 1434 16.37 -55.26 -17.42
N VAL A 1435 15.26 -56.01 -17.40
CA VAL A 1435 13.93 -55.45 -17.65
C VAL A 1435 13.11 -55.62 -16.39
N ILE A 1436 12.61 -54.48 -15.87
CA ILE A 1436 11.88 -54.43 -14.61
C ILE A 1436 10.46 -53.93 -14.90
N ASN A 1437 9.48 -54.52 -14.19
CA ASN A 1437 8.11 -54.05 -14.25
C ASN A 1437 7.96 -52.92 -13.22
N ALA A 1438 7.81 -51.67 -13.69
CA ALA A 1438 7.75 -50.53 -12.80
C ALA A 1438 6.56 -50.64 -11.83
N THR A 1439 5.50 -51.37 -12.20
CA THR A 1439 4.36 -51.54 -11.31
C THR A 1439 4.75 -52.38 -10.10
N THR A 1440 5.72 -53.30 -10.25
CA THR A 1440 6.03 -54.28 -9.21
C THR A 1440 7.41 -54.05 -8.58
N GLY A 1441 8.30 -53.31 -9.25
CA GLY A 1441 9.68 -53.11 -8.79
C GLY A 1441 10.59 -54.30 -9.11
N LYS A 1442 10.05 -55.34 -9.77
CA LYS A 1442 10.74 -56.61 -9.99
C LYS A 1442 10.56 -57.03 -11.45
N ASP A 1443 11.41 -57.95 -11.92
CA ASP A 1443 11.42 -58.38 -13.30
C ASP A 1443 10.19 -59.25 -13.60
N GLU A 1444 10.14 -59.84 -14.80
CA GLU A 1444 8.96 -60.57 -15.26
C GLU A 1444 8.69 -61.80 -14.39
N LEU A 1445 9.74 -62.54 -14.00
CA LEU A 1445 9.62 -63.72 -13.17
C LEU A 1445 9.60 -63.38 -11.67
N GLY A 1446 9.44 -62.10 -11.30
CA GLY A 1446 9.25 -61.71 -9.91
C GLY A 1446 10.55 -61.67 -9.10
N ARG A 1447 11.71 -61.67 -9.77
CA ARG A 1447 13.00 -61.67 -9.10
C ARG A 1447 13.48 -60.24 -8.87
N ALA A 1448 14.30 -60.06 -7.82
CA ALA A 1448 14.78 -58.75 -7.42
C ALA A 1448 15.73 -58.18 -8.46
N SER A 1449 15.88 -56.85 -8.45
CA SER A 1449 16.75 -56.16 -9.40
C SER A 1449 18.18 -56.15 -8.88
N ARG A 1450 19.14 -56.11 -9.79
CA ARG A 1450 20.52 -55.80 -9.43
C ARG A 1450 20.67 -54.37 -8.92
N LEU A 1451 19.61 -53.54 -9.04
CA LEU A 1451 19.62 -52.16 -8.55
C LEU A 1451 18.86 -51.98 -7.24
N CYS A 1452 18.11 -53.00 -6.78
CA CYS A 1452 17.32 -52.82 -5.57
C CYS A 1452 18.22 -52.51 -4.37
N LYS A 1453 17.61 -52.02 -3.30
CA LYS A 1453 18.30 -51.71 -2.06
C LYS A 1453 19.11 -52.91 -1.58
N HIS A 1454 18.50 -54.11 -1.65
CA HIS A 1454 19.13 -55.30 -1.11
C HIS A 1454 20.44 -55.59 -1.86
N ALA A 1455 20.40 -55.61 -3.19
CA ALA A 1455 21.59 -55.84 -4.01
C ALA A 1455 22.70 -54.85 -3.65
N LEU A 1456 22.35 -53.56 -3.55
CA LEU A 1456 23.36 -52.54 -3.32
C LEU A 1456 23.94 -52.73 -1.92
N TYR A 1457 23.09 -53.11 -0.96
CA TYR A 1457 23.56 -53.40 0.39
C TYR A 1457 24.53 -54.58 0.35
N CYS A 1458 24.29 -55.52 -0.56
CA CYS A 1458 25.17 -56.69 -0.66
C CYS A 1458 26.54 -56.27 -1.19
N ARG A 1459 26.57 -55.50 -2.28
CA ARG A 1459 27.81 -54.93 -2.79
C ARG A 1459 28.52 -54.14 -1.69
N TRP A 1460 27.76 -53.30 -0.98
CA TRP A 1460 28.34 -52.44 0.04
C TRP A 1460 28.98 -53.28 1.14
N MET A 1461 28.32 -54.39 1.53
CA MET A 1461 28.85 -55.25 2.58
C MET A 1461 30.15 -55.92 2.13
N ARG A 1462 30.22 -56.37 0.88
CA ARG A 1462 31.44 -57.01 0.41
C ARG A 1462 32.59 -55.99 0.39
N VAL A 1463 32.38 -54.83 -0.26
CA VAL A 1463 33.40 -53.78 -0.25
C VAL A 1463 33.80 -53.45 1.19
N HIS A 1464 32.80 -53.38 2.10
CA HIS A 1464 33.08 -53.04 3.49
C HIS A 1464 34.06 -54.04 4.10
N GLY A 1465 33.84 -55.34 3.85
CA GLY A 1465 34.69 -56.40 4.36
C GLY A 1465 36.12 -56.31 3.81
N LYS A 1466 36.27 -55.81 2.57
CA LYS A 1466 37.58 -55.71 1.93
C LYS A 1466 38.33 -54.42 2.28
N VAL A 1467 37.71 -53.43 2.94
CA VAL A 1467 38.38 -52.15 3.18
C VAL A 1467 39.01 -52.16 4.56
N PRO A 1468 40.34 -51.89 4.69
CA PRO A 1468 40.94 -51.82 6.03
C PRO A 1468 40.42 -50.60 6.79
N SER A 1469 40.13 -50.80 8.09
CA SER A 1469 39.33 -49.83 8.84
C SER A 1469 39.99 -48.46 8.94
N HIS A 1470 41.31 -48.36 8.75
CA HIS A 1470 41.98 -47.06 8.69
C HIS A 1470 41.56 -46.27 7.44
N LEU A 1471 41.02 -46.94 6.40
CA LEU A 1471 40.77 -46.29 5.12
C LEU A 1471 39.29 -45.88 4.95
N LEU A 1472 38.54 -45.78 6.06
CA LEU A 1472 37.13 -45.44 6.01
C LEU A 1472 36.95 -43.96 6.32
N ARG A 1473 36.09 -43.29 5.55
CA ARG A 1473 35.76 -41.90 5.82
C ARG A 1473 34.92 -41.80 7.10
N SER A 1474 33.99 -42.75 7.28
CA SER A 1474 33.25 -42.87 8.52
C SER A 1474 33.63 -44.17 9.22
N LYS A 1475 34.03 -44.05 10.50
CA LYS A 1475 34.44 -45.18 11.31
C LYS A 1475 33.34 -45.61 12.28
N ILE A 1476 32.15 -44.99 12.19
CA ILE A 1476 31.04 -45.32 13.07
C ILE A 1476 30.71 -46.79 12.86
N THR A 1477 30.51 -47.53 13.95
CA THR A 1477 30.12 -48.94 13.91
C THR A 1477 28.66 -49.03 14.34
N LYS A 1478 27.81 -49.59 13.47
CA LYS A 1478 26.40 -49.78 13.79
C LYS A 1478 25.98 -51.21 13.42
N PRO A 1479 24.84 -51.72 13.93
CA PRO A 1479 24.34 -53.02 13.49
C PRO A 1479 24.03 -53.05 11.99
N ASN A 1480 23.98 -54.27 11.43
CA ASN A 1480 23.81 -54.46 10.00
C ASN A 1480 22.32 -54.42 9.63
N VAL A 1481 21.71 -53.25 9.84
CA VAL A 1481 20.41 -52.92 9.29
C VAL A 1481 20.61 -51.75 8.33
N TYR A 1482 19.99 -51.83 7.15
CA TYR A 1482 20.16 -50.85 6.07
C TYR A 1482 20.11 -49.41 6.62
N HIS A 1483 19.05 -49.08 7.37
CA HIS A 1483 18.88 -47.72 7.84
C HIS A 1483 20.02 -47.32 8.79
N GLU A 1484 20.39 -48.21 9.71
CA GLU A 1484 21.51 -47.95 10.62
C GLU A 1484 22.79 -47.73 9.82
N SER A 1485 23.05 -48.62 8.85
CA SER A 1485 24.27 -48.53 8.06
C SER A 1485 24.33 -47.18 7.32
N LYS A 1486 23.21 -46.72 6.76
CA LYS A 1486 23.18 -45.40 6.13
C LYS A 1486 23.49 -44.31 7.16
N LEU A 1487 22.96 -44.47 8.37
CA LEU A 1487 23.18 -43.43 9.38
C LEU A 1487 24.65 -43.33 9.76
N ALA A 1488 25.43 -44.41 9.60
CA ALA A 1488 26.86 -44.31 9.82
C ALA A 1488 27.48 -43.14 9.05
N ALA A 1489 26.87 -42.74 7.91
CA ALA A 1489 27.40 -41.68 7.06
C ALA A 1489 26.98 -40.32 7.62
N LYS A 1490 27.55 -39.98 8.78
CA LYS A 1490 27.11 -38.83 9.55
C LYS A 1490 27.10 -37.56 8.68
N GLU A 1491 28.22 -37.28 7.98
CA GLU A 1491 28.35 -36.03 7.24
C GLU A 1491 27.29 -35.94 6.14
N TYR A 1492 27.11 -37.02 5.37
CA TYR A 1492 26.07 -37.07 4.35
C TYR A 1492 24.70 -36.74 4.94
N GLN A 1493 24.34 -37.38 6.06
CA GLN A 1493 23.07 -37.09 6.72
C GLN A 1493 22.97 -35.60 7.06
N ALA A 1494 24.08 -34.99 7.48
CA ALA A 1494 24.07 -33.56 7.84
C ALA A 1494 23.85 -32.70 6.59
N ALA A 1495 24.49 -33.07 5.47
CA ALA A 1495 24.26 -32.38 4.20
C ALA A 1495 22.79 -32.48 3.82
N LYS A 1496 22.19 -33.66 4.03
CA LYS A 1496 20.78 -33.89 3.75
C LYS A 1496 19.91 -32.96 4.59
N ALA A 1497 20.30 -32.75 5.86
CA ALA A 1497 19.57 -31.83 6.73
C ALA A 1497 19.69 -30.38 6.25
N ARG A 1498 20.90 -29.98 5.82
CA ARG A 1498 21.09 -28.66 5.23
C ARG A 1498 20.15 -28.49 4.02
N LEU A 1499 20.05 -29.53 3.18
CA LEU A 1499 19.21 -29.46 1.99
C LEU A 1499 17.75 -29.25 2.38
N PHE A 1500 17.24 -30.07 3.30
CA PHE A 1500 15.85 -29.97 3.69
C PHE A 1500 15.57 -28.58 4.25
N THR A 1501 16.43 -28.09 5.13
CA THR A 1501 16.27 -26.76 5.68
C THR A 1501 16.31 -25.70 4.57
N ALA A 1502 17.22 -25.82 3.59
CA ALA A 1502 17.24 -24.87 2.48
C ALA A 1502 15.85 -24.79 1.84
N PHE A 1503 15.25 -25.95 1.49
CA PHE A 1503 13.96 -25.95 0.83
C PHE A 1503 12.89 -25.31 1.70
N ILE A 1504 12.81 -25.72 2.97
CA ILE A 1504 11.81 -25.19 3.89
C ILE A 1504 11.95 -23.67 4.02
N LYS A 1505 13.17 -23.18 4.31
CA LYS A 1505 13.37 -21.75 4.56
C LYS A 1505 13.06 -20.91 3.32
N ALA A 1506 13.42 -21.41 2.12
CA ALA A 1506 12.98 -20.82 0.86
C ALA A 1506 11.46 -20.98 0.64
N GLY A 1507 10.71 -21.47 1.65
CA GLY A 1507 9.27 -21.68 1.52
C GLY A 1507 8.91 -22.64 0.40
N LEU A 1508 9.72 -23.67 0.16
CA LEU A 1508 9.46 -24.58 -0.96
C LEU A 1508 8.93 -25.94 -0.47
N GLY A 1509 8.60 -26.04 0.82
CA GLY A 1509 7.96 -27.22 1.39
C GLY A 1509 8.98 -28.25 1.88
N ALA A 1510 8.48 -29.17 2.73
CA ALA A 1510 9.32 -30.16 3.38
C ALA A 1510 9.39 -31.42 2.51
N TRP A 1511 10.58 -32.03 2.47
CA TRP A 1511 10.80 -33.29 1.77
C TRP A 1511 9.83 -34.36 2.28
N VAL A 1512 9.44 -35.28 1.38
CA VAL A 1512 8.62 -36.41 1.75
C VAL A 1512 9.45 -37.67 1.61
N GLU A 1513 9.54 -38.45 2.69
CA GLU A 1513 10.31 -39.68 2.65
C GLU A 1513 9.36 -40.87 2.67
N LYS A 1514 9.93 -42.05 2.43
CA LYS A 1514 9.18 -43.28 2.52
C LYS A 1514 8.81 -43.59 3.97
N PRO A 1515 7.84 -44.49 4.23
CA PRO A 1515 7.62 -44.98 5.58
C PRO A 1515 8.91 -45.53 6.18
N THR A 1516 9.15 -45.29 7.48
CA THR A 1516 10.42 -45.67 8.07
C THR A 1516 10.64 -47.19 8.08
N GLU A 1517 9.60 -48.00 7.82
CA GLU A 1517 9.74 -49.46 7.78
C GLU A 1517 10.50 -49.91 6.53
N GLN A 1518 10.52 -49.06 5.48
CA GLN A 1518 11.12 -49.41 4.21
C GLN A 1518 12.58 -49.85 4.34
N ASP A 1519 13.38 -49.16 5.15
CA ASP A 1519 14.81 -49.42 5.21
C ASP A 1519 15.19 -50.21 6.46
N GLN A 1520 14.25 -50.96 7.07
CA GLN A 1520 14.51 -51.67 8.31
C GLN A 1520 14.60 -53.17 8.03
N PHE A 1521 15.54 -53.53 7.16
CA PHE A 1521 15.81 -54.93 6.85
C PHE A 1521 17.31 -55.17 7.03
N SER A 1522 17.64 -56.45 7.26
CA SER A 1522 19.01 -56.92 7.32
C SER A 1522 19.26 -57.82 6.12
N LEU A 1523 20.53 -58.12 5.83
CA LEU A 1523 20.89 -59.11 4.83
C LEU A 1523 20.71 -60.51 5.43
N THR A 1524 19.43 -60.95 5.46
CA THR A 1524 18.99 -62.21 6.05
C THR A 1524 19.73 -62.50 7.34
P 8AZ C 26 2.88 -36.30 -17.13
OP2 8AZ C 26 3.55 -35.94 -15.86
OP1 8AZ C 26 1.78 -37.31 -17.07
O5' 8AZ C 26 4.04 -36.81 -18.11
C5' 8AZ C 26 3.79 -37.84 -19.11
C4' 8AZ C 26 4.61 -39.07 -18.80
O4' 8AZ C 26 6.02 -38.69 -18.80
C1' 8AZ C 26 6.62 -39.21 -17.63
N9 8AZ C 26 7.79 -38.40 -17.28
N8 8AZ C 26 7.76 -37.04 -17.23
N7 8AZ C 26 8.97 -36.59 -16.94
C5 8AZ C 26 9.77 -37.65 -16.83
C6 8AZ C 26 11.22 -37.69 -16.52
O6 8AZ C 26 11.52 -37.27 -15.20
N1 8AZ C 26 11.65 -39.08 -16.71
C2 8AZ C 26 10.82 -40.14 -16.87
N3 8AZ C 26 9.53 -40.07 -17.04
C4 8AZ C 26 9.06 -38.80 -17.05
C2' 8AZ C 26 5.52 -39.22 -16.57
O2' 8AZ C 26 5.83 -40.09 -15.51
C3' 8AZ C 26 4.36 -39.74 -17.44
O3' 8AZ C 26 4.45 -41.16 -17.57
C1 IHP D . 16.65 -42.96 -2.89
C2 IHP D . 17.80 -43.35 -1.97
C3 IHP D . 17.86 -42.37 -0.80
C4 IHP D . 16.57 -42.44 -0.01
C5 IHP D . 15.36 -42.14 -0.89
C6 IHP D . 15.33 -43.02 -2.14
O11 IHP D . 16.59 -43.85 -4.05
P1 IHP D . 16.11 -43.35 -5.53
O21 IHP D . 14.76 -44.00 -5.84
O31 IHP D . 15.99 -41.84 -5.53
O41 IHP D . 17.22 -43.84 -6.45
O12 IHP D . 17.54 -44.69 -1.43
P2 IHP D . 18.29 -46.08 -1.78
O22 IHP D . 19.69 -45.80 -2.28
O32 IHP D . 17.44 -46.76 -2.84
O42 IHP D . 18.30 -46.86 -0.49
O13 IHP D . 18.96 -42.75 0.11
P3 IHP D . 20.49 -42.20 0.06
O23 IHP D . 20.45 -40.75 -0.37
O33 IHP D . 21.02 -42.36 1.46
O43 IHP D . 21.26 -43.07 -0.93
O14 IHP D . 16.60 -41.46 1.07
P4 IHP D . 16.97 -41.82 2.61
O24 IHP D . 16.24 -40.79 3.43
O34 IHP D . 16.46 -43.23 2.88
O44 IHP D . 18.48 -41.73 2.77
O15 IHP D . 14.16 -42.43 -0.12
P5 IHP D . 13.28 -41.29 0.61
O25 IHP D . 13.90 -39.96 0.26
O35 IHP D . 13.29 -41.54 2.11
O45 IHP D . 11.90 -41.45 0.00
O16 IHP D . 14.26 -42.52 -3.01
P6 IHP D . 12.85 -43.30 -3.11
O26 IHP D . 13.20 -44.64 -3.72
O36 IHP D . 12.23 -43.45 -1.74
O46 IHP D . 11.97 -42.46 -4.03
ZN ZN E . 10.59 -38.07 -13.42
#